data_2YRC
#
_entry.id   2YRC
#
loop_
_entity.id
_entity.type
_entity.pdbx_description
1 polymer 'Protein transport protein Sec23A'
2 non-polymer 'ZINC ION'
#
_entity_poly.entity_id   1
_entity_poly.type   'polypeptide(L)'
_entity_poly.pdbx_seq_one_letter_code
;GSSGSSGEPVLCSRTTCRAVLNPLCQVDYRAKLWACNFCYQRNQFPPSYAGISELNQPA
;
_entity_poly.pdbx_strand_id   A
#
loop_
_chem_comp.id
_chem_comp.type
_chem_comp.name
_chem_comp.formula
ZN non-polymer 'ZINC ION' 'Zn 2'
#
# COMPACT_ATOMS: atom_id res chain seq x y z
N GLY A 1 -3.62 -14.01 5.64
CA GLY A 1 -2.95 -12.95 6.37
C GLY A 1 -1.63 -13.41 6.98
N SER A 2 -1.13 -12.65 7.95
CA SER A 2 0.13 -12.99 8.60
C SER A 2 0.04 -12.76 10.11
N SER A 3 0.20 -13.82 10.87
CA SER A 3 0.13 -13.74 12.33
C SER A 3 1.07 -12.67 12.86
N GLY A 4 1.05 -12.46 14.17
CA GLY A 4 1.91 -11.46 14.78
C GLY A 4 1.19 -10.15 15.02
N SER A 5 1.87 -9.21 15.65
CA SER A 5 1.30 -7.90 15.96
C SER A 5 2.01 -6.80 15.19
N SER A 6 1.31 -6.20 14.24
CA SER A 6 1.88 -5.12 13.43
C SER A 6 0.78 -4.27 12.81
N GLY A 7 1.18 -3.12 12.25
CA GLY A 7 0.21 -2.23 11.63
C GLY A 7 0.85 -0.97 11.09
N GLU A 8 2.08 -1.10 10.58
CA GLU A 8 2.80 0.03 10.03
C GLU A 8 2.24 0.43 8.68
N PRO A 9 2.14 1.75 8.44
CA PRO A 9 1.61 2.28 7.19
C PRO A 9 2.56 2.06 6.01
N VAL A 10 2.02 1.52 4.93
CA VAL A 10 2.82 1.26 3.73
C VAL A 10 3.30 2.55 3.09
N LEU A 11 4.62 2.67 2.94
CA LEU A 11 5.21 3.87 2.34
C LEU A 11 5.98 3.51 1.07
N CYS A 12 5.74 4.29 0.01
CA CYS A 12 6.40 4.05 -1.27
C CYS A 12 7.89 3.78 -1.06
N SER A 13 8.36 2.66 -1.60
CA SER A 13 9.76 2.28 -1.48
C SER A 13 10.67 3.49 -1.66
N ARG A 14 10.63 4.07 -2.86
CA ARG A 14 11.45 5.24 -3.18
C ARG A 14 11.61 6.13 -1.95
N THR A 15 12.86 6.37 -1.55
CA THR A 15 13.16 7.19 -0.39
C THR A 15 12.79 8.65 -0.67
N THR A 16 13.07 9.12 -1.88
CA THR A 16 12.77 10.49 -2.27
C THR A 16 11.27 10.72 -2.37
N CYS A 17 10.53 9.64 -2.61
CA CYS A 17 9.08 9.72 -2.73
C CYS A 17 8.41 9.68 -1.36
N ARG A 18 8.48 8.51 -0.72
CA ARG A 18 7.89 8.33 0.61
C ARG A 18 6.42 8.78 0.61
N ALA A 19 5.72 8.47 -0.48
CA ALA A 19 4.31 8.85 -0.59
C ALA A 19 3.40 7.72 -0.11
N VAL A 20 2.72 7.97 1.00
CA VAL A 20 1.81 6.98 1.57
C VAL A 20 0.84 6.45 0.53
N LEU A 21 0.64 5.13 0.53
CA LEU A 21 -0.26 4.50 -0.42
C LEU A 21 -1.59 5.25 -0.50
N ASN A 22 -1.94 5.71 -1.70
CA ASN A 22 -3.18 6.44 -1.90
C ASN A 22 -4.05 5.75 -2.94
N PRO A 23 -5.36 6.04 -2.90
CA PRO A 23 -6.34 5.45 -3.83
C PRO A 23 -6.15 5.97 -5.25
N LEU A 24 -5.24 6.91 -5.43
CA LEU A 24 -4.97 7.49 -6.74
C LEU A 24 -3.98 6.62 -7.53
N CYS A 25 -3.07 5.98 -6.80
CA CYS A 25 -2.07 5.12 -7.43
C CYS A 25 -2.72 4.01 -8.24
N GLN A 26 -1.97 3.43 -9.16
CA GLN A 26 -2.48 2.37 -10.02
C GLN A 26 -2.30 1.01 -9.35
N VAL A 27 -3.34 0.53 -8.69
CA VAL A 27 -3.30 -0.76 -8.01
C VAL A 27 -3.61 -1.89 -8.98
N ASP A 28 -2.66 -2.81 -9.14
CA ASP A 28 -2.83 -3.95 -10.02
C ASP A 28 -3.16 -5.22 -9.24
N TYR A 29 -4.30 -5.21 -8.55
CA TYR A 29 -4.71 -6.35 -7.75
C TYR A 29 -4.34 -7.66 -8.44
N ARG A 30 -4.49 -7.69 -9.76
CA ARG A 30 -4.17 -8.88 -10.54
C ARG A 30 -2.75 -9.35 -10.26
N ALA A 31 -1.80 -8.42 -10.38
CA ALA A 31 -0.39 -8.74 -10.14
C ALA A 31 0.04 -8.28 -8.75
N LYS A 32 -0.92 -8.15 -7.84
CA LYS A 32 -0.64 -7.72 -6.49
C LYS A 32 0.48 -6.68 -6.46
N LEU A 33 0.38 -5.70 -7.36
CA LEU A 33 1.38 -4.64 -7.44
C LEU A 33 0.72 -3.29 -7.74
N TRP A 34 1.00 -2.30 -6.90
CA TRP A 34 0.44 -0.97 -7.08
C TRP A 34 1.53 0.04 -7.41
N ALA A 35 1.45 0.62 -8.61
CA ALA A 35 2.44 1.60 -9.05
C ALA A 35 2.12 2.98 -8.48
N CYS A 36 3.16 3.74 -8.17
CA CYS A 36 3.01 5.08 -7.62
C CYS A 36 2.44 6.03 -8.67
N ASN A 37 1.69 7.04 -8.21
CA ASN A 37 1.09 8.02 -9.10
C ASN A 37 2.02 9.22 -9.29
N PHE A 38 3.02 9.34 -8.41
CA PHE A 38 3.97 10.44 -8.48
C PHE A 38 5.29 9.98 -9.11
N CYS A 39 6.07 9.24 -8.34
CA CYS A 39 7.35 8.74 -8.83
C CYS A 39 7.16 7.71 -9.94
N TYR A 40 5.98 7.08 -9.96
CA TYR A 40 5.67 6.08 -10.97
C TYR A 40 6.54 4.85 -10.79
N GLN A 41 6.53 4.29 -9.58
CA GLN A 41 7.32 3.09 -9.30
C GLN A 41 6.44 1.98 -8.75
N ARG A 42 6.69 0.75 -9.20
CA ARG A 42 5.92 -0.41 -8.77
C ARG A 42 6.35 -0.86 -7.39
N ASN A 43 5.38 -1.11 -6.51
CA ASN A 43 5.67 -1.55 -5.16
C ASN A 43 4.87 -2.81 -4.81
N GLN A 44 5.45 -3.65 -3.97
CA GLN A 44 4.79 -4.89 -3.56
C GLN A 44 3.90 -4.66 -2.33
N PHE A 45 2.77 -5.35 -2.29
CA PHE A 45 1.84 -5.22 -1.18
C PHE A 45 2.47 -5.72 0.12
N PRO A 46 2.03 -5.14 1.25
CA PRO A 46 2.53 -5.51 2.57
C PRO A 46 2.08 -6.90 3.00
N PRO A 47 2.67 -7.41 4.09
CA PRO A 47 2.34 -8.74 4.63
C PRO A 47 0.94 -8.79 5.23
N SER A 48 0.52 -7.69 5.84
CA SER A 48 -0.80 -7.61 6.46
C SER A 48 -1.63 -6.47 5.85
N TYR A 49 -2.46 -6.81 4.88
CA TYR A 49 -3.31 -5.83 4.22
C TYR A 49 -4.79 -6.17 4.39
N ALA A 50 -5.16 -6.57 5.60
CA ALA A 50 -6.54 -6.92 5.89
C ALA A 50 -7.27 -5.77 6.59
N GLY A 51 -6.60 -5.19 7.58
CA GLY A 51 -7.20 -4.08 8.32
C GLY A 51 -6.91 -2.74 7.69
N ILE A 52 -6.96 -2.68 6.35
CA ILE A 52 -6.71 -1.45 5.63
C ILE A 52 -7.97 -0.95 4.92
N SER A 53 -8.35 0.29 5.22
CA SER A 53 -9.54 0.89 4.62
C SER A 53 -9.33 1.13 3.13
N GLU A 54 -8.16 1.65 2.78
CA GLU A 54 -7.84 1.93 1.39
C GLU A 54 -8.17 0.74 0.51
N LEU A 55 -7.81 -0.45 0.96
CA LEU A 55 -8.06 -1.67 0.22
C LEU A 55 -9.48 -2.18 0.46
N ASN A 56 -9.77 -2.53 1.70
CA ASN A 56 -11.09 -3.03 2.07
C ASN A 56 -12.19 -2.18 1.43
N GLN A 57 -12.12 -0.87 1.67
CA GLN A 57 -13.10 0.06 1.13
C GLN A 57 -12.75 0.45 -0.30
N PRO A 58 -13.78 0.69 -1.13
CA PRO A 58 -13.60 1.07 -2.54
C PRO A 58 -13.02 2.48 -2.68
N ALA A 59 -12.34 2.72 -3.80
CA ALA A 59 -11.74 4.02 -4.06
C ALA A 59 -12.75 5.14 -3.86
ZN ZN B . 6.43 6.82 -5.14
N GLY A 1 -7.56 -3.79 16.41
CA GLY A 1 -7.99 -2.49 15.92
C GLY A 1 -8.11 -1.46 17.03
N SER A 2 -8.77 -1.85 18.12
CA SER A 2 -8.96 -0.95 19.25
C SER A 2 -7.78 -1.04 20.23
N SER A 3 -7.49 -2.26 20.67
CA SER A 3 -6.39 -2.47 21.60
C SER A 3 -5.08 -2.74 20.85
N GLY A 4 -5.17 -3.50 19.77
CA GLY A 4 -3.99 -3.80 18.97
C GLY A 4 -3.84 -2.88 17.78
N SER A 5 -2.59 -2.53 17.47
CA SER A 5 -2.31 -1.64 16.35
C SER A 5 -3.18 -2.00 15.15
N SER A 6 -3.87 -1.01 14.60
CA SER A 6 -4.73 -1.21 13.44
C SER A 6 -3.91 -1.40 12.17
N GLY A 7 -2.62 -1.07 12.24
CA GLY A 7 -1.75 -1.21 11.10
C GLY A 7 -0.89 0.02 10.88
N GLU A 8 0.03 -0.07 9.92
CA GLU A 8 0.92 1.05 9.62
C GLU A 8 0.73 1.51 8.17
N PRO A 9 1.03 2.80 7.92
CA PRO A 9 0.90 3.40 6.60
C PRO A 9 1.94 2.86 5.61
N VAL A 10 1.47 2.31 4.50
CA VAL A 10 2.36 1.77 3.48
C VAL A 10 3.17 2.87 2.82
N LEU A 11 4.44 2.99 3.22
CA LEU A 11 5.32 4.00 2.66
C LEU A 11 5.98 3.51 1.37
N CYS A 12 6.01 4.37 0.36
CA CYS A 12 6.61 4.02 -0.92
C CYS A 12 8.07 3.63 -0.74
N SER A 13 8.55 2.75 -1.62
CA SER A 13 9.94 2.30 -1.56
C SER A 13 10.91 3.46 -1.67
N ARG A 14 10.74 4.27 -2.71
CA ARG A 14 11.60 5.43 -2.92
C ARG A 14 11.61 6.34 -1.70
N THR A 15 12.79 6.51 -1.11
CA THR A 15 12.93 7.35 0.07
C THR A 15 12.47 8.78 -0.21
N THR A 16 12.69 9.24 -1.43
CA THR A 16 12.29 10.58 -1.83
C THR A 16 10.78 10.69 -1.99
N CYS A 17 10.15 9.59 -2.38
CA CYS A 17 8.71 9.55 -2.58
C CYS A 17 7.99 9.32 -1.25
N ARG A 18 8.23 8.14 -0.67
CA ARG A 18 7.60 7.79 0.60
C ARG A 18 6.19 8.36 0.70
N ALA A 19 5.39 8.13 -0.33
CA ALA A 19 4.02 8.63 -0.36
C ALA A 19 3.04 7.59 0.19
N VAL A 20 2.57 7.82 1.41
CA VAL A 20 1.63 6.91 2.05
C VAL A 20 0.57 6.42 1.06
N LEU A 21 0.18 5.16 1.20
CA LEU A 21 -0.83 4.58 0.31
C LEU A 21 -1.90 5.61 -0.04
N ASN A 22 -2.15 5.76 -1.34
CA ASN A 22 -3.15 6.72 -1.81
C ASN A 22 -3.96 6.11 -2.96
N PRO A 23 -5.18 6.64 -3.15
CA PRO A 23 -6.08 6.18 -4.22
C PRO A 23 -5.59 6.57 -5.60
N LEU A 24 -4.84 7.67 -5.67
CA LEU A 24 -4.31 8.14 -6.94
C LEU A 24 -3.42 7.09 -7.59
N CYS A 25 -2.76 6.29 -6.77
CA CYS A 25 -1.89 5.24 -7.26
C CYS A 25 -2.67 4.21 -8.08
N GLN A 26 -1.97 3.51 -8.97
CA GLN A 26 -2.59 2.50 -9.81
C GLN A 26 -2.41 1.11 -9.22
N VAL A 27 -3.43 0.64 -8.50
CA VAL A 27 -3.38 -0.69 -7.88
C VAL A 27 -3.76 -1.78 -8.88
N ASP A 28 -3.03 -2.89 -8.85
CA ASP A 28 -3.31 -4.00 -9.74
C ASP A 28 -3.53 -5.29 -8.96
N TYR A 29 -4.53 -5.27 -8.09
CA TYR A 29 -4.85 -6.43 -7.27
C TYR A 29 -4.60 -7.72 -8.04
N ARG A 30 -4.98 -7.72 -9.32
CA ARG A 30 -4.80 -8.90 -10.17
C ARG A 30 -3.35 -9.39 -10.13
N ALA A 31 -2.42 -8.49 -10.41
CA ALA A 31 -1.00 -8.83 -10.40
C ALA A 31 -0.36 -8.43 -9.07
N LYS A 32 -1.15 -8.39 -8.02
CA LYS A 32 -0.66 -8.04 -6.69
C LYS A 32 0.44 -6.99 -6.78
N LEU A 33 0.26 -6.03 -7.68
CA LEU A 33 1.25 -4.97 -7.86
C LEU A 33 0.58 -3.59 -7.84
N TRP A 34 1.16 -2.67 -7.08
CA TRP A 34 0.62 -1.31 -6.98
C TRP A 34 1.64 -0.29 -7.45
N ALA A 35 1.32 0.39 -8.54
CA ALA A 35 2.21 1.41 -9.10
C ALA A 35 1.92 2.78 -8.51
N CYS A 36 2.97 3.56 -8.27
CA CYS A 36 2.82 4.89 -7.70
C CYS A 36 2.35 5.88 -8.76
N ASN A 37 1.66 6.92 -8.31
CA ASN A 37 1.14 7.95 -9.22
C ASN A 37 2.15 9.09 -9.38
N PHE A 38 3.06 9.21 -8.41
CA PHE A 38 4.07 10.26 -8.44
C PHE A 38 5.39 9.72 -8.98
N CYS A 39 6.10 8.95 -8.17
CA CYS A 39 7.38 8.38 -8.58
C CYS A 39 7.19 7.38 -9.71
N TYR A 40 5.98 6.84 -9.82
CA TYR A 40 5.67 5.86 -10.86
C TYR A 40 6.64 4.69 -10.81
N GLN A 41 6.75 4.07 -9.63
CA GLN A 41 7.63 2.93 -9.45
C GLN A 41 6.86 1.71 -8.97
N ARG A 42 6.93 0.63 -9.75
CA ARG A 42 6.23 -0.61 -9.42
C ARG A 42 6.76 -1.19 -8.11
N ASN A 43 5.86 -1.38 -7.15
CA ASN A 43 6.22 -1.93 -5.85
C ASN A 43 5.38 -3.16 -5.52
N GLN A 44 5.84 -3.93 -4.54
CA GLN A 44 5.13 -5.14 -4.13
C GLN A 44 4.36 -4.90 -2.83
N PHE A 45 3.20 -5.53 -2.72
CA PHE A 45 2.36 -5.39 -1.54
C PHE A 45 3.12 -5.83 -0.28
N PRO A 46 2.87 -5.13 0.84
CA PRO A 46 3.51 -5.43 2.12
C PRO A 46 3.04 -6.74 2.72
N PRO A 47 3.73 -7.19 3.78
CA PRO A 47 3.38 -8.44 4.47
C PRO A 47 2.07 -8.34 5.24
N SER A 48 1.88 -7.23 5.94
CA SER A 48 0.67 -7.01 6.72
C SER A 48 -0.22 -5.98 6.06
N TYR A 49 -1.08 -6.43 5.15
CA TYR A 49 -1.99 -5.54 4.44
C TYR A 49 -3.44 -5.91 4.72
N ALA A 50 -3.77 -7.18 4.53
CA ALA A 50 -5.12 -7.66 4.77
C ALA A 50 -5.76 -6.96 5.96
N GLY A 51 -5.05 -6.96 7.09
CA GLY A 51 -5.55 -6.32 8.29
C GLY A 51 -6.17 -4.96 8.01
N ILE A 52 -5.41 -4.09 7.35
CA ILE A 52 -5.89 -2.76 7.02
C ILE A 52 -7.21 -2.82 6.27
N SER A 53 -8.18 -2.01 6.72
CA SER A 53 -9.49 -1.98 6.10
C SER A 53 -9.42 -1.36 4.71
N GLU A 54 -8.75 -0.22 4.60
CA GLU A 54 -8.61 0.48 3.33
C GLU A 54 -8.20 -0.50 2.23
N LEU A 55 -7.24 -1.36 2.54
CA LEU A 55 -6.75 -2.35 1.58
C LEU A 55 -7.89 -3.26 1.12
N ASN A 56 -8.48 -3.96 2.06
CA ASN A 56 -9.59 -4.88 1.75
C ASN A 56 -10.71 -4.14 1.01
N GLN A 57 -11.40 -3.27 1.73
CA GLN A 57 -12.50 -2.50 1.14
C GLN A 57 -12.03 -1.74 -0.10
N PRO A 58 -12.95 -1.50 -1.04
CA PRO A 58 -12.66 -0.78 -2.28
C PRO A 58 -12.39 0.69 -2.05
N ALA A 59 -11.36 1.22 -2.71
CA ALA A 59 -11.01 2.63 -2.56
C ALA A 59 -11.31 3.41 -3.84
ZN ZN B . 6.19 6.48 -5.01
N GLY A 1 -1.80 8.40 23.74
CA GLY A 1 -2.83 7.77 22.94
C GLY A 1 -2.25 6.83 21.89
N SER A 2 -1.98 5.59 22.29
CA SER A 2 -1.42 4.60 21.39
C SER A 2 -2.30 4.44 20.15
N SER A 3 -1.82 4.94 19.01
CA SER A 3 -2.56 4.85 17.76
C SER A 3 -1.79 4.03 16.73
N GLY A 4 -2.40 3.82 15.57
CA GLY A 4 -1.76 3.05 14.52
C GLY A 4 -0.90 1.93 15.07
N SER A 5 -1.53 0.84 15.49
CA SER A 5 -0.81 -0.30 16.04
C SER A 5 -1.06 -1.54 15.20
N SER A 6 -0.28 -2.59 15.47
CA SER A 6 -0.42 -3.85 14.73
C SER A 6 -0.58 -3.60 13.24
N GLY A 7 0.21 -2.66 12.72
CA GLY A 7 0.13 -2.33 11.31
C GLY A 7 0.79 -1.01 10.98
N GLU A 8 1.80 -1.04 10.12
CA GLU A 8 2.51 0.17 9.72
C GLU A 8 1.99 0.70 8.40
N PRO A 9 2.12 2.03 8.19
CA PRO A 9 1.67 2.69 6.97
C PRO A 9 2.53 2.32 5.77
N VAL A 10 1.87 1.95 4.67
CA VAL A 10 2.57 1.58 3.45
C VAL A 10 3.29 2.77 2.83
N LEU A 11 4.54 2.98 3.23
CA LEU A 11 5.33 4.09 2.71
C LEU A 11 6.12 3.68 1.47
N CYS A 12 5.86 4.36 0.36
CA CYS A 12 6.54 4.07 -0.90
C CYS A 12 7.98 3.63 -0.64
N SER A 13 8.46 2.68 -1.45
CA SER A 13 9.82 2.17 -1.31
C SER A 13 10.83 3.28 -1.50
N ARG A 14 10.61 4.11 -2.52
CA ARG A 14 11.51 5.21 -2.83
C ARG A 14 11.51 6.23 -1.68
N THR A 15 12.58 6.23 -0.90
CA THR A 15 12.71 7.15 0.23
C THR A 15 12.26 8.56 -0.17
N THR A 16 12.86 9.09 -1.23
CA THR A 16 12.53 10.42 -1.71
C THR A 16 11.03 10.60 -1.83
N CYS A 17 10.36 9.59 -2.38
CA CYS A 17 8.91 9.64 -2.56
C CYS A 17 8.19 9.34 -1.25
N ARG A 18 8.22 8.07 -0.84
CA ARG A 18 7.58 7.66 0.40
C ARG A 18 6.13 8.15 0.45
N ALA A 19 5.45 8.09 -0.69
CA ALA A 19 4.06 8.52 -0.77
C ALA A 19 3.11 7.43 -0.29
N VAL A 20 2.39 7.72 0.79
CA VAL A 20 1.44 6.77 1.35
C VAL A 20 0.42 6.32 0.31
N LEU A 21 0.18 5.01 0.26
CA LEU A 21 -0.77 4.45 -0.69
C LEU A 21 -2.01 5.34 -0.82
N ASN A 22 -2.24 5.87 -2.01
CA ASN A 22 -3.38 6.74 -2.26
C ASN A 22 -4.32 6.12 -3.29
N PRO A 23 -5.60 6.52 -3.25
CA PRO A 23 -6.62 6.02 -4.18
C PRO A 23 -6.40 6.52 -5.60
N LEU A 24 -5.32 7.26 -5.81
CA LEU A 24 -5.00 7.79 -7.13
C LEU A 24 -4.05 6.87 -7.87
N CYS A 25 -3.16 6.21 -7.13
CA CYS A 25 -2.20 5.29 -7.73
C CYS A 25 -2.91 4.13 -8.41
N GLN A 26 -2.19 3.44 -9.30
CA GLN A 26 -2.75 2.32 -10.03
C GLN A 26 -2.49 1.01 -9.30
N VAL A 27 -3.42 0.63 -8.44
CA VAL A 27 -3.29 -0.61 -7.67
C VAL A 27 -3.72 -1.82 -8.51
N ASP A 28 -2.77 -2.67 -8.84
CA ASP A 28 -3.05 -3.86 -9.63
C ASP A 28 -3.36 -5.05 -8.72
N TYR A 29 -4.55 -5.04 -8.13
CA TYR A 29 -4.96 -6.11 -7.24
C TYR A 29 -4.72 -7.47 -7.88
N ARG A 30 -4.93 -7.55 -9.18
CA ARG A 30 -4.74 -8.80 -9.91
C ARG A 30 -3.31 -9.32 -9.73
N ALA A 31 -2.34 -8.52 -10.14
CA ALA A 31 -0.94 -8.88 -10.02
C ALA A 31 -0.36 -8.45 -8.68
N LYS A 32 -1.22 -8.38 -7.67
CA LYS A 32 -0.80 -7.97 -6.33
C LYS A 32 0.30 -6.91 -6.40
N LEU A 33 0.08 -5.90 -7.22
CA LEU A 33 1.05 -4.82 -7.39
C LEU A 33 0.38 -3.46 -7.22
N TRP A 34 1.20 -2.42 -7.11
CA TRP A 34 0.69 -1.06 -6.95
C TRP A 34 1.70 -0.04 -7.43
N ALA A 35 1.45 0.55 -8.60
CA ALA A 35 2.34 1.55 -9.17
C ALA A 35 2.04 2.94 -8.61
N CYS A 36 3.09 3.64 -8.17
CA CYS A 36 2.93 4.97 -7.61
C CYS A 36 2.56 5.98 -8.70
N ASN A 37 1.82 7.01 -8.31
CA ASN A 37 1.40 8.04 -9.25
C ASN A 37 2.40 9.19 -9.28
N PHE A 38 3.13 9.37 -8.19
CA PHE A 38 4.13 10.43 -8.09
C PHE A 38 5.47 9.98 -8.66
N CYS A 39 6.17 9.14 -7.91
CA CYS A 39 7.47 8.63 -8.34
C CYS A 39 7.32 7.76 -9.58
N TYR A 40 6.22 7.03 -9.65
CA TYR A 40 5.97 6.15 -10.79
C TYR A 40 6.86 4.90 -10.72
N GLN A 41 6.91 4.27 -9.56
CA GLN A 41 7.73 3.09 -9.37
C GLN A 41 6.87 1.90 -8.93
N ARG A 42 7.03 0.77 -9.63
CA ARG A 42 6.27 -0.43 -9.31
C ARG A 42 6.79 -1.09 -8.04
N ASN A 43 5.88 -1.42 -7.13
CA ASN A 43 6.25 -2.06 -5.88
C ASN A 43 5.26 -3.17 -5.51
N GLN A 44 5.69 -4.09 -4.66
CA GLN A 44 4.86 -5.20 -4.23
C GLN A 44 4.19 -4.89 -2.90
N PHE A 45 2.97 -5.41 -2.71
CA PHE A 45 2.22 -5.19 -1.48
C PHE A 45 3.05 -5.61 -0.26
N PRO A 46 2.76 -4.98 0.88
CA PRO A 46 3.47 -5.28 2.14
C PRO A 46 3.11 -6.65 2.69
N PRO A 47 3.92 -7.13 3.64
CA PRO A 47 3.72 -8.44 4.26
C PRO A 47 2.49 -8.47 5.17
N SER A 48 2.41 -7.48 6.08
CA SER A 48 1.29 -7.40 7.00
C SER A 48 0.26 -6.38 6.51
N TYR A 49 -0.68 -6.86 5.70
CA TYR A 49 -1.72 -5.99 5.16
C TYR A 49 -3.10 -6.53 5.50
N ALA A 50 -3.30 -6.86 6.78
CA ALA A 50 -4.59 -7.39 7.24
C ALA A 50 -5.51 -6.25 7.66
N GLY A 51 -6.30 -5.76 6.72
CA GLY A 51 -7.23 -4.68 7.02
C GLY A 51 -6.57 -3.32 6.99
N ILE A 52 -5.64 -3.13 6.04
CA ILE A 52 -4.94 -1.87 5.91
C ILE A 52 -5.91 -0.71 5.66
N SER A 53 -5.68 0.40 6.35
CA SER A 53 -6.53 1.57 6.21
C SER A 53 -6.62 2.00 4.74
N GLU A 54 -5.47 2.23 4.12
CA GLU A 54 -5.42 2.64 2.73
C GLU A 54 -6.23 1.70 1.85
N LEU A 55 -5.97 0.41 1.97
CA LEU A 55 -6.67 -0.60 1.20
C LEU A 55 -8.17 -0.55 1.47
N ASN A 56 -8.95 -1.19 0.60
CA ASN A 56 -10.40 -1.22 0.75
C ASN A 56 -10.98 -2.52 0.22
N GLN A 57 -11.49 -3.36 1.13
CA GLN A 57 -12.07 -4.64 0.76
C GLN A 57 -13.41 -4.84 1.43
N PRO A 58 -14.31 -5.57 0.76
CA PRO A 58 -15.65 -5.85 1.28
C PRO A 58 -15.63 -6.81 2.46
N ALA A 59 -16.17 -6.36 3.59
CA ALA A 59 -16.20 -7.19 4.80
C ALA A 59 -17.30 -8.23 4.70
ZN ZN B . 6.22 6.69 -4.90
N GLY A 1 -11.94 -1.37 22.62
CA GLY A 1 -10.60 -1.54 22.09
C GLY A 1 -9.54 -0.96 23.00
N SER A 2 -9.21 0.31 22.78
CA SER A 2 -8.20 0.99 23.59
C SER A 2 -6.81 0.41 23.32
N SER A 3 -6.52 0.16 22.05
CA SER A 3 -5.22 -0.40 21.66
C SER A 3 -4.41 0.62 20.86
N GLY A 4 -5.08 1.28 19.92
CA GLY A 4 -4.40 2.27 19.10
C GLY A 4 -4.78 2.16 17.63
N SER A 5 -3.78 2.26 16.76
CA SER A 5 -4.01 2.17 15.32
C SER A 5 -3.64 0.79 14.80
N SER A 6 -4.65 -0.02 14.49
CA SER A 6 -4.42 -1.37 13.98
C SER A 6 -3.92 -1.33 12.54
N GLY A 7 -2.65 -1.70 12.35
CA GLY A 7 -2.07 -1.69 11.03
C GLY A 7 -1.19 -0.48 10.78
N GLU A 8 -0.32 -0.58 9.78
CA GLU A 8 0.58 0.51 9.45
C GLU A 8 0.39 0.95 8.00
N PRO A 9 0.67 2.23 7.73
CA PRO A 9 0.54 2.81 6.39
C PRO A 9 1.59 2.27 5.42
N VAL A 10 1.17 2.02 4.19
CA VAL A 10 2.07 1.50 3.16
C VAL A 10 2.92 2.61 2.55
N LEU A 11 4.11 2.80 3.10
CA LEU A 11 5.02 3.83 2.61
C LEU A 11 5.74 3.39 1.34
N CYS A 12 5.74 4.24 0.33
CA CYS A 12 6.39 3.93 -0.94
C CYS A 12 7.82 3.44 -0.71
N SER A 13 8.27 2.55 -1.58
CA SER A 13 9.62 2.00 -1.47
C SER A 13 10.66 3.10 -1.63
N ARG A 14 10.58 3.84 -2.73
CA ARG A 14 11.51 4.93 -2.99
C ARG A 14 11.69 5.81 -1.76
N THR A 15 12.93 5.96 -1.32
CA THR A 15 13.23 6.78 -0.15
C THR A 15 12.87 8.24 -0.39
N THR A 16 13.16 8.73 -1.59
CA THR A 16 12.87 10.10 -1.96
C THR A 16 11.37 10.35 -2.01
N CYS A 17 10.61 9.33 -2.40
CA CYS A 17 9.16 9.43 -2.49
C CYS A 17 8.52 9.28 -1.11
N ARG A 18 8.66 8.09 -0.53
CA ARG A 18 8.09 7.80 0.78
C ARG A 18 6.74 8.49 0.95
N ALA A 19 5.93 8.44 -0.10
CA ALA A 19 4.61 9.06 -0.07
C ALA A 19 3.54 8.03 0.27
N VAL A 20 2.64 8.39 1.19
CA VAL A 20 1.57 7.50 1.61
C VAL A 20 0.74 7.04 0.41
N LEU A 21 0.18 5.85 0.50
CA LEU A 21 -0.63 5.30 -0.58
C LEU A 21 -1.94 6.08 -0.73
N ASN A 22 -2.27 6.43 -1.97
CA ASN A 22 -3.48 7.17 -2.25
C ASN A 22 -4.43 6.38 -3.15
N PRO A 23 -5.72 6.71 -3.10
CA PRO A 23 -6.74 6.04 -3.91
C PRO A 23 -6.61 6.35 -5.40
N LEU A 24 -5.58 7.11 -5.75
CA LEU A 24 -5.35 7.47 -7.14
C LEU A 24 -4.37 6.50 -7.80
N CYS A 25 -3.36 6.07 -7.04
CA CYS A 25 -2.37 5.14 -7.55
C CYS A 25 -3.03 3.98 -8.28
N GLN A 26 -2.30 3.37 -9.21
CA GLN A 26 -2.81 2.26 -9.98
C GLN A 26 -2.51 0.92 -9.30
N VAL A 27 -3.45 0.46 -8.47
CA VAL A 27 -3.27 -0.80 -7.76
C VAL A 27 -3.72 -1.98 -8.61
N ASP A 28 -2.77 -2.86 -8.92
CA ASP A 28 -3.06 -4.04 -9.74
C ASP A 28 -3.32 -5.25 -8.85
N TYR A 29 -4.50 -5.29 -8.23
CA TYR A 29 -4.87 -6.40 -7.36
C TYR A 29 -4.53 -7.74 -8.01
N ARG A 30 -4.73 -7.82 -9.32
CA ARG A 30 -4.44 -9.05 -10.06
C ARG A 30 -2.99 -9.48 -9.85
N ALA A 31 -2.06 -8.61 -10.20
CA ALA A 31 -0.64 -8.91 -10.05
C ALA A 31 -0.12 -8.44 -8.70
N LYS A 32 -1.01 -8.40 -7.71
CA LYS A 32 -0.64 -7.97 -6.37
C LYS A 32 0.42 -6.89 -6.41
N LEU A 33 0.25 -5.94 -7.34
CA LEU A 33 1.20 -4.84 -7.48
C LEU A 33 0.50 -3.49 -7.32
N TRP A 34 1.28 -2.43 -7.15
CA TRP A 34 0.75 -1.09 -6.98
C TRP A 34 1.72 -0.04 -7.46
N ALA A 35 1.43 0.56 -8.61
CA ALA A 35 2.29 1.59 -9.18
C ALA A 35 1.98 2.96 -8.58
N CYS A 36 3.03 3.65 -8.11
CA CYS A 36 2.87 4.96 -7.51
C CYS A 36 2.43 5.98 -8.56
N ASN A 37 1.69 6.99 -8.11
CA ASN A 37 1.20 8.03 -9.01
C ASN A 37 2.18 9.21 -9.06
N PHE A 38 3.01 9.32 -8.03
CA PHE A 38 3.99 10.40 -7.96
C PHE A 38 5.32 9.97 -8.57
N CYS A 39 6.07 9.15 -7.82
CA CYS A 39 7.36 8.66 -8.29
C CYS A 39 7.20 7.75 -9.51
N TYR A 40 6.08 7.04 -9.56
CA TYR A 40 5.80 6.14 -10.67
C TYR A 40 6.71 4.90 -10.61
N GLN A 41 6.79 4.29 -9.44
CA GLN A 41 7.63 3.11 -9.26
C GLN A 41 6.78 1.90 -8.85
N ARG A 42 6.84 0.85 -9.65
CA ARG A 42 6.09 -0.37 -9.37
C ARG A 42 6.64 -1.08 -8.14
N ASN A 43 5.77 -1.30 -7.16
CA ASN A 43 6.16 -1.97 -5.92
C ASN A 43 5.18 -3.08 -5.57
N GLN A 44 5.63 -4.03 -4.77
CA GLN A 44 4.79 -5.15 -4.34
C GLN A 44 4.19 -4.89 -2.97
N PHE A 45 3.00 -5.44 -2.75
CA PHE A 45 2.31 -5.26 -1.47
C PHE A 45 3.21 -5.68 -0.31
N PRO A 46 3.08 -4.96 0.81
CA PRO A 46 3.88 -5.23 2.02
C PRO A 46 3.47 -6.53 2.69
N PRO A 47 4.28 -6.98 3.67
CA PRO A 47 4.02 -8.21 4.42
C PRO A 47 2.80 -8.09 5.33
N SER A 48 2.56 -6.88 5.83
CA SER A 48 1.43 -6.63 6.72
C SER A 48 0.54 -5.51 6.18
N TYR A 49 -0.54 -5.90 5.51
CA TYR A 49 -1.46 -4.92 4.94
C TYR A 49 -2.84 -5.05 5.58
N ALA A 50 -2.87 -5.18 6.90
CA ALA A 50 -4.12 -5.31 7.63
C ALA A 50 -4.53 -3.97 8.25
N GLY A 51 -5.84 -3.75 8.34
CA GLY A 51 -6.34 -2.51 8.90
C GLY A 51 -5.95 -1.30 8.08
N ILE A 52 -5.99 -1.44 6.76
CA ILE A 52 -5.64 -0.35 5.87
C ILE A 52 -6.83 0.08 5.03
N SER A 53 -7.42 1.23 5.38
CA SER A 53 -8.57 1.76 4.66
C SER A 53 -8.30 1.81 3.16
N GLU A 54 -7.06 2.09 2.80
CA GLU A 54 -6.67 2.16 1.40
C GLU A 54 -7.03 0.88 0.66
N LEU A 55 -6.73 -0.26 1.28
CA LEU A 55 -7.03 -1.56 0.68
C LEU A 55 -8.48 -1.95 0.92
N ASN A 56 -9.35 -1.58 -0.02
CA ASN A 56 -10.77 -1.88 0.08
C ASN A 56 -11.00 -3.39 0.13
N GLN A 57 -10.94 -3.95 1.33
CA GLN A 57 -11.14 -5.38 1.51
C GLN A 57 -12.61 -5.74 1.41
N PRO A 58 -12.90 -6.85 0.70
CA PRO A 58 -14.28 -7.34 0.51
C PRO A 58 -14.89 -7.87 1.80
N ALA A 59 -16.15 -7.55 2.03
CA ALA A 59 -16.86 -8.01 3.23
C ALA A 59 -17.97 -8.98 2.87
ZN ZN B . 6.20 6.70 -4.87
N GLY A 1 0.19 -9.27 27.25
CA GLY A 1 -0.55 -9.64 26.06
C GLY A 1 0.36 -9.81 24.85
N SER A 2 -0.25 -9.93 23.67
CA SER A 2 0.50 -10.11 22.43
C SER A 2 0.71 -8.77 21.74
N SER A 3 1.44 -8.80 20.62
CA SER A 3 1.72 -7.59 19.85
C SER A 3 0.48 -6.70 19.77
N GLY A 4 -0.58 -7.24 19.19
CA GLY A 4 -1.81 -6.49 19.05
C GLY A 4 -2.25 -6.34 17.60
N SER A 5 -2.68 -5.14 17.24
CA SER A 5 -3.13 -4.87 15.88
C SER A 5 -2.21 -3.87 15.18
N SER A 6 -1.81 -4.19 13.96
CA SER A 6 -0.93 -3.32 13.19
C SER A 6 -1.73 -2.27 12.43
N GLY A 7 -1.36 -1.00 12.59
CA GLY A 7 -2.05 0.07 11.91
C GLY A 7 -1.11 1.15 11.41
N GLU A 8 -0.30 0.81 10.41
CA GLU A 8 0.65 1.76 9.85
C GLU A 8 0.46 1.89 8.34
N PRO A 9 0.62 3.12 7.83
CA PRO A 9 0.47 3.41 6.40
C PRO A 9 1.60 2.81 5.57
N VAL A 10 1.27 2.37 4.36
CA VAL A 10 2.24 1.78 3.46
C VAL A 10 3.04 2.86 2.72
N LEU A 11 4.21 3.20 3.26
CA LEU A 11 5.07 4.21 2.66
C LEU A 11 5.70 3.69 1.38
N CYS A 12 5.86 4.57 0.39
CA CYS A 12 6.46 4.20 -0.88
C CYS A 12 7.89 3.70 -0.68
N SER A 13 8.31 2.77 -1.53
CA SER A 13 9.65 2.20 -1.45
C SER A 13 10.71 3.29 -1.61
N ARG A 14 10.55 4.12 -2.64
CA ARG A 14 11.50 5.19 -2.90
C ARG A 14 11.60 6.13 -1.70
N THR A 15 12.83 6.45 -1.32
CA THR A 15 13.07 7.35 -0.18
C THR A 15 12.61 8.76 -0.49
N THR A 16 12.99 9.28 -1.66
CA THR A 16 12.61 10.62 -2.07
C THR A 16 11.10 10.76 -2.15
N CYS A 17 10.43 9.70 -2.57
CA CYS A 17 8.97 9.70 -2.69
C CYS A 17 8.32 9.48 -1.33
N ARG A 18 8.47 8.28 -0.79
CA ARG A 18 7.89 7.93 0.50
C ARG A 18 6.48 8.50 0.63
N ALA A 19 5.74 8.47 -0.47
CA ALA A 19 4.37 8.97 -0.49
C ALA A 19 3.38 7.89 -0.06
N VAL A 20 2.87 8.03 1.16
CA VAL A 20 1.91 7.05 1.69
C VAL A 20 0.96 6.57 0.60
N LEU A 21 0.59 5.29 0.68
CA LEU A 21 -0.30 4.70 -0.30
C LEU A 21 -1.58 5.53 -0.46
N ASN A 22 -1.87 5.92 -1.69
CA ASN A 22 -3.05 6.72 -1.98
C ASN A 22 -4.01 5.98 -2.90
N PRO A 23 -5.29 6.38 -2.88
CA PRO A 23 -6.33 5.76 -3.70
C PRO A 23 -6.16 6.08 -5.19
N LEU A 24 -5.28 7.04 -5.48
CA LEU A 24 -5.02 7.45 -6.86
C LEU A 24 -4.08 6.47 -7.54
N CYS A 25 -3.09 6.00 -6.81
CA CYS A 25 -2.11 5.05 -7.34
C CYS A 25 -2.82 3.93 -8.12
N GLN A 26 -2.10 3.34 -9.08
CA GLN A 26 -2.66 2.27 -9.88
C GLN A 26 -2.57 0.94 -9.14
N VAL A 27 -3.64 0.58 -8.44
CA VAL A 27 -3.68 -0.68 -7.69
C VAL A 27 -4.04 -1.85 -8.60
N ASP A 28 -3.10 -2.75 -8.79
CA ASP A 28 -3.32 -3.93 -9.63
C ASP A 28 -3.45 -5.20 -8.78
N TYR A 29 -4.40 -5.17 -7.85
CA TYR A 29 -4.62 -6.31 -6.96
C TYR A 29 -4.38 -7.62 -7.70
N ARG A 30 -4.81 -7.68 -8.96
CA ARG A 30 -4.64 -8.88 -9.76
C ARG A 30 -3.18 -9.33 -9.78
N ALA A 31 -2.30 -8.43 -10.19
CA ALA A 31 -0.87 -8.74 -10.24
C ALA A 31 -0.17 -8.31 -8.96
N LYS A 32 -0.93 -8.23 -7.87
CA LYS A 32 -0.39 -7.83 -6.58
C LYS A 32 0.72 -6.80 -6.75
N LEU A 33 0.46 -5.80 -7.59
CA LEU A 33 1.43 -4.74 -7.84
C LEU A 33 0.75 -3.38 -7.91
N TRP A 34 1.22 -2.45 -7.09
CA TRP A 34 0.67 -1.10 -7.06
C TRP A 34 1.70 -0.07 -7.49
N ALA A 35 1.43 0.58 -8.63
CA ALA A 35 2.34 1.60 -9.15
C ALA A 35 2.03 2.97 -8.56
N CYS A 36 3.08 3.72 -8.24
CA CYS A 36 2.92 5.05 -7.66
C CYS A 36 2.46 6.05 -8.72
N ASN A 37 1.79 7.11 -8.29
CA ASN A 37 1.29 8.14 -9.20
C ASN A 37 2.31 9.26 -9.33
N PHE A 38 3.18 9.40 -8.35
CA PHE A 38 4.21 10.43 -8.36
C PHE A 38 5.52 9.89 -8.91
N CYS A 39 6.22 9.11 -8.10
CA CYS A 39 7.49 8.52 -8.51
C CYS A 39 7.30 7.55 -9.66
N TYR A 40 6.10 6.99 -9.77
CA TYR A 40 5.79 6.03 -10.82
C TYR A 40 6.70 4.81 -10.74
N GLN A 41 6.77 4.21 -9.56
CA GLN A 41 7.61 3.04 -9.34
C GLN A 41 6.77 1.85 -8.86
N ARG A 42 6.94 0.72 -9.52
CA ARG A 42 6.19 -0.49 -9.16
C ARG A 42 6.71 -1.07 -7.85
N ASN A 43 5.79 -1.44 -6.97
CA ASN A 43 6.16 -2.02 -5.68
C ASN A 43 5.31 -3.24 -5.37
N GLN A 44 5.78 -4.06 -4.43
CA GLN A 44 5.06 -5.27 -4.05
C GLN A 44 4.34 -5.07 -2.72
N PHE A 45 3.06 -5.42 -2.68
CA PHE A 45 2.26 -5.27 -1.47
C PHE A 45 2.94 -5.97 -0.28
N PRO A 46 2.64 -5.49 0.93
CA PRO A 46 3.20 -6.03 2.17
C PRO A 46 2.68 -7.44 2.47
N PRO A 47 3.30 -8.10 3.46
CA PRO A 47 2.91 -9.45 3.88
C PRO A 47 1.56 -9.47 4.57
N SER A 48 1.29 -8.44 5.38
CA SER A 48 0.04 -8.35 6.11
C SER A 48 -0.66 -7.03 5.82
N TYR A 49 -1.55 -7.05 4.84
CA TYR A 49 -2.29 -5.84 4.45
C TYR A 49 -3.73 -5.92 4.95
N ALA A 50 -3.92 -6.37 6.18
CA ALA A 50 -5.24 -6.49 6.76
C ALA A 50 -5.51 -5.35 7.75
N GLY A 51 -6.79 -5.02 7.93
CA GLY A 51 -7.15 -3.95 8.85
C GLY A 51 -7.01 -2.57 8.22
N ILE A 52 -5.93 -2.37 7.47
CA ILE A 52 -5.68 -1.10 6.82
C ILE A 52 -6.93 -0.59 6.10
N SER A 53 -7.30 0.66 6.37
CA SER A 53 -8.48 1.25 5.76
C SER A 53 -8.36 1.25 4.24
N GLU A 54 -7.25 1.80 3.75
CA GLU A 54 -7.01 1.86 2.31
C GLU A 54 -7.19 0.48 1.66
N LEU A 55 -6.48 -0.50 2.19
CA LEU A 55 -6.56 -1.86 1.67
C LEU A 55 -7.83 -2.56 2.15
N ASN A 56 -8.85 -2.56 1.30
CA ASN A 56 -10.12 -3.20 1.64
C ASN A 56 -10.14 -4.65 1.18
N GLN A 57 -10.64 -5.53 2.06
CA GLN A 57 -10.72 -6.95 1.73
C GLN A 57 -12.16 -7.45 1.81
N PRO A 58 -12.47 -8.46 1.00
CA PRO A 58 -13.82 -9.05 0.96
C PRO A 58 -14.14 -9.83 2.23
N ALA A 59 -15.15 -9.36 2.96
CA ALA A 59 -15.56 -10.02 4.19
C ALA A 59 -15.97 -11.47 3.94
ZN ZN B . 6.24 6.69 -4.96
N GLY A 1 -12.70 -9.60 11.92
CA GLY A 1 -12.47 -10.15 13.25
C GLY A 1 -11.04 -9.92 13.71
N SER A 2 -10.18 -10.89 13.46
CA SER A 2 -8.78 -10.79 13.87
C SER A 2 -8.29 -9.35 13.77
N SER A 3 -7.85 -8.80 14.90
CA SER A 3 -7.35 -7.43 14.93
C SER A 3 -5.93 -7.35 14.40
N GLY A 4 -5.06 -8.22 14.91
CA GLY A 4 -3.68 -8.24 14.47
C GLY A 4 -3.13 -6.85 14.27
N SER A 5 -2.09 -6.74 13.43
CA SER A 5 -1.47 -5.46 13.15
C SER A 5 -2.50 -4.44 12.68
N SER A 6 -2.45 -3.24 13.25
CA SER A 6 -3.38 -2.18 12.90
C SER A 6 -3.15 -1.72 11.46
N GLY A 7 -4.01 -0.81 11.00
CA GLY A 7 -3.89 -0.32 9.64
C GLY A 7 -2.83 0.77 9.51
N GLU A 8 -1.57 0.35 9.44
CA GLU A 8 -0.47 1.29 9.32
C GLU A 8 -0.30 1.75 7.88
N PRO A 9 0.20 2.99 7.71
CA PRO A 9 0.42 3.57 6.38
C PRO A 9 1.57 2.90 5.63
N VAL A 10 1.37 2.69 4.33
CA VAL A 10 2.39 2.05 3.50
C VAL A 10 3.23 3.09 2.77
N LEU A 11 4.43 3.34 3.28
CA LEU A 11 5.33 4.32 2.67
C LEU A 11 5.94 3.77 1.39
N CYS A 12 5.86 4.54 0.32
CA CYS A 12 6.41 4.13 -0.97
C CYS A 12 7.79 3.51 -0.80
N SER A 13 8.18 2.69 -1.77
CA SER A 13 9.48 2.03 -1.72
C SER A 13 10.62 3.05 -1.75
N ARG A 14 10.55 3.95 -2.72
CA ARG A 14 11.58 4.99 -2.86
C ARG A 14 11.82 5.70 -1.53
N THR A 15 13.06 6.10 -1.28
CA THR A 15 13.42 6.79 -0.05
C THR A 15 13.22 8.30 -0.20
N THR A 16 13.15 8.76 -1.43
CA THR A 16 12.95 10.19 -1.70
C THR A 16 11.49 10.51 -1.94
N CYS A 17 10.73 9.53 -2.40
CA CYS A 17 9.31 9.71 -2.67
C CYS A 17 8.53 9.89 -1.38
N ARG A 18 8.40 8.81 -0.60
CA ARG A 18 7.68 8.86 0.66
C ARG A 18 6.20 9.18 0.43
N ALA A 19 5.63 8.58 -0.61
CA ALA A 19 4.23 8.79 -0.94
C ALA A 19 3.34 7.72 -0.31
N VAL A 20 2.62 8.10 0.74
CA VAL A 20 1.73 7.16 1.44
C VAL A 20 0.67 6.61 0.49
N LEU A 21 0.43 5.31 0.58
CA LEU A 21 -0.56 4.65 -0.27
C LEU A 21 -1.76 5.55 -0.48
N ASN A 22 -2.11 5.80 -1.74
CA ASN A 22 -3.25 6.64 -2.08
C ASN A 22 -4.14 5.95 -3.11
N PRO A 23 -5.43 6.36 -3.14
CA PRO A 23 -6.40 5.80 -4.07
C PRO A 23 -6.14 6.22 -5.51
N LEU A 24 -5.35 7.27 -5.68
CA LEU A 24 -5.02 7.77 -7.01
C LEU A 24 -4.03 6.84 -7.71
N CYS A 25 -3.25 6.12 -6.92
CA CYS A 25 -2.26 5.19 -7.47
C CYS A 25 -2.94 4.10 -8.29
N GLN A 26 -2.19 3.46 -9.18
CA GLN A 26 -2.71 2.41 -10.02
C GLN A 26 -2.50 1.04 -9.39
N VAL A 27 -3.48 0.59 -8.62
CA VAL A 27 -3.41 -0.71 -7.95
C VAL A 27 -3.79 -1.84 -8.91
N ASP A 28 -2.93 -2.84 -9.00
CA ASP A 28 -3.17 -3.98 -9.88
C ASP A 28 -3.51 -5.23 -9.06
N TYR A 29 -4.67 -5.20 -8.40
CA TYR A 29 -5.11 -6.32 -7.58
C TYR A 29 -4.80 -7.64 -8.27
N ARG A 30 -4.87 -7.65 -9.59
CA ARG A 30 -4.61 -8.86 -10.36
C ARG A 30 -3.20 -9.38 -10.08
N ALA A 31 -2.20 -8.57 -10.41
CA ALA A 31 -0.81 -8.96 -10.19
C ALA A 31 -0.33 -8.53 -8.81
N LYS A 32 -1.26 -8.49 -7.86
CA LYS A 32 -0.94 -8.10 -6.49
C LYS A 32 0.14 -7.02 -6.47
N LEU A 33 0.11 -6.12 -7.45
CA LEU A 33 1.08 -5.05 -7.55
C LEU A 33 0.42 -3.69 -7.36
N TRP A 34 1.23 -2.66 -7.20
CA TRP A 34 0.72 -1.30 -7.00
C TRP A 34 1.78 -0.26 -7.38
N ALA A 35 1.52 0.47 -8.46
CA ALA A 35 2.44 1.50 -8.92
C ALA A 35 2.13 2.85 -8.29
N CYS A 36 3.17 3.58 -7.93
CA CYS A 36 3.01 4.89 -7.31
C CYS A 36 2.47 5.91 -8.31
N ASN A 37 1.76 6.92 -7.81
CA ASN A 37 1.18 7.95 -8.66
C ASN A 37 2.14 9.12 -8.81
N PHE A 38 3.04 9.28 -7.84
CA PHE A 38 4.01 10.37 -7.87
C PHE A 38 5.30 9.93 -8.57
N CYS A 39 6.10 9.13 -7.87
CA CYS A 39 7.36 8.64 -8.42
C CYS A 39 7.11 7.74 -9.63
N TYR A 40 5.98 7.04 -9.62
CA TYR A 40 5.63 6.13 -10.70
C TYR A 40 6.53 4.91 -10.71
N GLN A 41 6.70 4.30 -9.54
CA GLN A 41 7.54 3.12 -9.41
C GLN A 41 6.73 1.93 -8.90
N ARG A 42 6.72 0.84 -9.66
CA ARG A 42 5.99 -0.36 -9.29
C ARG A 42 6.56 -0.97 -8.02
N ASN A 43 5.69 -1.30 -7.07
CA ASN A 43 6.12 -1.90 -5.81
C ASN A 43 5.23 -3.09 -5.44
N GLN A 44 5.71 -3.91 -4.52
CA GLN A 44 4.96 -5.09 -4.08
C GLN A 44 4.33 -4.84 -2.72
N PHE A 45 3.20 -5.50 -2.48
CA PHE A 45 2.49 -5.36 -1.21
C PHE A 45 3.31 -5.93 -0.06
N PRO A 46 3.10 -5.38 1.16
CA PRO A 46 3.81 -5.83 2.36
C PRO A 46 3.39 -7.22 2.80
N PRO A 47 4.13 -7.78 3.77
CA PRO A 47 3.85 -9.12 4.30
C PRO A 47 2.57 -9.16 5.13
N SER A 48 2.34 -8.09 5.90
CA SER A 48 1.14 -8.01 6.74
C SER A 48 0.31 -6.79 6.37
N TYR A 49 -0.56 -6.96 5.37
CA TYR A 49 -1.42 -5.88 4.92
C TYR A 49 -2.87 -6.13 5.34
N ALA A 50 -3.05 -6.76 6.49
CA ALA A 50 -4.38 -7.06 7.01
C ALA A 50 -5.12 -5.77 7.38
N GLY A 51 -4.54 -5.01 8.31
CA GLY A 51 -5.16 -3.77 8.75
C GLY A 51 -5.51 -2.87 7.58
N ILE A 52 -4.60 -2.76 6.62
CA ILE A 52 -4.82 -1.91 5.45
C ILE A 52 -6.29 -1.90 5.05
N SER A 53 -6.94 -0.76 5.26
CA SER A 53 -8.36 -0.61 4.92
C SER A 53 -8.55 -0.54 3.41
N GLU A 54 -7.80 0.34 2.77
CA GLU A 54 -7.89 0.52 1.32
C GLU A 54 -7.82 -0.84 0.61
N LEU A 55 -6.99 -1.74 1.13
CA LEU A 55 -6.84 -3.06 0.54
C LEU A 55 -7.61 -4.11 1.36
N ASN A 56 -8.89 -4.28 1.02
CA ASN A 56 -9.72 -5.25 1.71
C ASN A 56 -10.34 -6.24 0.73
N GLN A 57 -9.83 -7.47 0.74
CA GLN A 57 -10.33 -8.51 -0.15
C GLN A 57 -10.61 -9.80 0.63
N PRO A 58 -11.65 -10.54 0.19
CA PRO A 58 -12.05 -11.80 0.82
C PRO A 58 -11.03 -12.90 0.61
N ALA A 59 -10.52 -13.46 1.70
CA ALA A 59 -9.54 -14.54 1.62
C ALA A 59 -9.70 -15.51 2.79
ZN ZN B . 6.47 6.73 -4.90
N GLY A 1 3.68 -4.00 26.17
CA GLY A 1 2.62 -4.96 25.97
C GLY A 1 1.64 -4.53 24.90
N SER A 2 2.15 -4.28 23.70
CA SER A 2 1.31 -3.85 22.58
C SER A 2 0.00 -4.63 22.55
N SER A 3 -1.05 -4.00 22.04
CA SER A 3 -2.36 -4.64 21.96
C SER A 3 -2.40 -5.67 20.84
N GLY A 4 -1.83 -5.31 19.68
CA GLY A 4 -1.81 -6.21 18.56
C GLY A 4 -2.09 -5.52 17.24
N SER A 5 -3.14 -4.69 17.23
CA SER A 5 -3.52 -3.97 16.03
C SER A 5 -2.56 -2.82 15.76
N SER A 6 -1.45 -3.13 15.08
CA SER A 6 -0.44 -2.13 14.77
C SER A 6 -0.80 -1.39 13.48
N GLY A 7 -1.19 -2.14 12.46
CA GLY A 7 -1.56 -1.54 11.19
C GLY A 7 -0.55 -0.49 10.73
N GLU A 8 0.57 -0.95 10.19
CA GLU A 8 1.62 -0.05 9.72
C GLU A 8 1.21 0.60 8.40
N PRO A 9 1.52 1.90 8.27
CA PRO A 9 1.19 2.66 7.05
C PRO A 9 2.05 2.24 5.86
N VAL A 10 1.41 2.13 4.69
CA VAL A 10 2.10 1.73 3.48
C VAL A 10 2.80 2.92 2.84
N LEU A 11 4.11 2.97 2.97
CA LEU A 11 4.91 4.06 2.40
C LEU A 11 5.66 3.59 1.15
N CYS A 12 5.75 4.46 0.16
CA CYS A 12 6.45 4.15 -1.08
C CYS A 12 7.89 3.72 -0.80
N SER A 13 8.34 2.70 -1.52
CA SER A 13 9.70 2.19 -1.35
C SER A 13 10.72 3.30 -1.57
N ARG A 14 10.63 3.97 -2.72
CA ARG A 14 11.55 5.05 -3.05
C ARG A 14 11.75 5.98 -1.85
N THR A 15 12.97 5.96 -1.29
CA THR A 15 13.28 6.80 -0.14
C THR A 15 12.98 8.26 -0.43
N THR A 16 13.17 8.67 -1.68
CA THR A 16 12.90 10.05 -2.08
C THR A 16 11.41 10.33 -2.12
N CYS A 17 10.62 9.32 -2.46
CA CYS A 17 9.17 9.47 -2.53
C CYS A 17 8.55 9.42 -1.14
N ARG A 18 8.64 8.26 -0.50
CA ARG A 18 8.08 8.09 0.84
C ARG A 18 6.63 8.53 0.88
N ALA A 19 5.91 8.35 -0.23
CA ALA A 19 4.52 8.74 -0.31
C ALA A 19 3.60 7.63 0.22
N VAL A 20 2.58 8.01 0.97
CA VAL A 20 1.64 7.06 1.53
C VAL A 20 0.73 6.49 0.45
N LEU A 21 0.23 5.28 0.69
CA LEU A 21 -0.66 4.63 -0.26
C LEU A 21 -1.92 5.46 -0.51
N ASN A 22 -2.18 5.75 -1.77
CA ASN A 22 -3.35 6.55 -2.14
C ASN A 22 -4.18 5.83 -3.20
N PRO A 23 -5.48 6.20 -3.29
CA PRO A 23 -6.40 5.61 -4.25
C PRO A 23 -6.09 6.00 -5.69
N LEU A 24 -5.63 7.24 -5.87
CA LEU A 24 -5.28 7.74 -7.19
C LEU A 24 -4.28 6.81 -7.88
N CYS A 25 -3.40 6.21 -7.09
CA CYS A 25 -2.38 5.30 -7.63
C CYS A 25 -3.04 4.15 -8.37
N GLN A 26 -2.29 3.57 -9.31
CA GLN A 26 -2.80 2.45 -10.10
C GLN A 26 -2.50 1.12 -9.42
N VAL A 27 -3.47 0.63 -8.65
CA VAL A 27 -3.32 -0.62 -7.94
C VAL A 27 -3.65 -1.81 -8.84
N ASP A 28 -2.70 -2.73 -8.98
CA ASP A 28 -2.89 -3.91 -9.81
C ASP A 28 -3.18 -5.13 -8.96
N TYR A 29 -4.23 -5.06 -8.15
CA TYR A 29 -4.61 -6.17 -7.27
C TYR A 29 -4.35 -7.51 -7.96
N ARG A 30 -4.62 -7.56 -9.25
CA ARG A 30 -4.42 -8.79 -10.02
C ARG A 30 -2.99 -9.31 -9.84
N ALA A 31 -2.02 -8.46 -10.13
CA ALA A 31 -0.61 -8.83 -10.00
C ALA A 31 -0.03 -8.34 -8.68
N LYS A 32 -0.89 -8.24 -7.66
CA LYS A 32 -0.46 -7.79 -6.35
C LYS A 32 0.65 -6.74 -6.46
N LEU A 33 0.47 -5.80 -7.38
CA LEU A 33 1.45 -4.74 -7.59
C LEU A 33 0.77 -3.39 -7.78
N TRP A 34 1.17 -2.42 -6.98
CA TRP A 34 0.60 -1.08 -7.06
C TRP A 34 1.62 -0.08 -7.58
N ALA A 35 1.19 0.75 -8.52
CA ALA A 35 2.07 1.76 -9.11
C ALA A 35 1.81 3.14 -8.51
N CYS A 36 2.88 3.85 -8.20
CA CYS A 36 2.77 5.19 -7.62
C CYS A 36 2.26 6.19 -8.64
N ASN A 37 1.55 7.20 -8.17
CA ASN A 37 0.99 8.24 -9.05
C ASN A 37 1.97 9.41 -9.18
N PHE A 38 3.03 9.38 -8.39
CA PHE A 38 4.03 10.44 -8.41
C PHE A 38 5.33 9.95 -9.04
N CYS A 39 6.08 9.15 -8.30
CA CYS A 39 7.34 8.60 -8.79
C CYS A 39 7.11 7.57 -9.88
N TYR A 40 5.90 7.01 -9.92
CA TYR A 40 5.55 6.01 -10.91
C TYR A 40 6.45 4.78 -10.79
N GLN A 41 6.58 4.28 -9.57
CA GLN A 41 7.40 3.11 -9.31
C GLN A 41 6.56 1.95 -8.76
N ARG A 42 6.77 0.76 -9.31
CA ARG A 42 6.03 -0.42 -8.87
C ARG A 42 6.61 -0.97 -7.57
N ASN A 43 5.73 -1.30 -6.63
CA ASN A 43 6.16 -1.85 -5.34
C ASN A 43 5.21 -2.94 -4.88
N GLN A 44 5.75 -4.12 -4.60
CA GLN A 44 4.96 -5.25 -4.15
C GLN A 44 4.22 -4.91 -2.86
N PHE A 45 3.11 -5.60 -2.63
CA PHE A 45 2.31 -5.37 -1.43
C PHE A 45 3.04 -5.86 -0.18
N PRO A 46 2.82 -5.16 0.94
CA PRO A 46 3.45 -5.51 2.23
C PRO A 46 2.90 -6.81 2.81
N PRO A 47 3.61 -7.36 3.80
CA PRO A 47 3.22 -8.61 4.46
C PRO A 47 1.97 -8.44 5.31
N SER A 48 1.79 -7.25 5.87
CA SER A 48 0.64 -6.96 6.72
C SER A 48 -0.26 -5.90 6.07
N TYR A 49 -1.11 -6.33 5.15
CA TYR A 49 -2.01 -5.43 4.47
C TYR A 49 -3.45 -5.64 4.92
N ALA A 50 -3.86 -6.90 5.02
CA ALA A 50 -5.21 -7.24 5.45
C ALA A 50 -5.72 -6.26 6.51
N GLY A 51 -6.91 -5.72 6.28
CA GLY A 51 -7.47 -4.77 7.22
C GLY A 51 -7.60 -3.38 6.64
N ILE A 52 -6.51 -2.87 6.09
CA ILE A 52 -6.49 -1.54 5.50
C ILE A 52 -7.75 -1.30 4.66
N SER A 53 -8.64 -0.45 5.17
CA SER A 53 -9.88 -0.14 4.47
C SER A 53 -9.59 0.30 3.03
N GLU A 54 -8.74 1.31 2.88
CA GLU A 54 -8.39 1.82 1.57
C GLU A 54 -8.15 0.67 0.58
N LEU A 55 -7.41 -0.35 1.03
CA LEU A 55 -7.12 -1.50 0.19
C LEU A 55 -8.17 -2.59 0.36
N ASN A 56 -9.43 -2.17 0.43
CA ASN A 56 -10.54 -3.11 0.59
C ASN A 56 -11.39 -3.18 -0.67
N GLN A 57 -11.82 -2.02 -1.15
CA GLN A 57 -12.64 -1.95 -2.35
C GLN A 57 -12.13 -0.86 -3.30
N PRO A 58 -12.20 -1.14 -4.60
CA PRO A 58 -11.75 -0.19 -5.64
C PRO A 58 -12.66 1.03 -5.74
N ALA A 59 -12.06 2.21 -5.65
CA ALA A 59 -12.81 3.45 -5.74
C ALA A 59 -13.93 3.35 -6.79
ZN ZN B . 6.25 6.76 -5.09
N GLY A 1 8.16 -11.43 20.47
CA GLY A 1 8.28 -9.97 20.45
C GLY A 1 7.04 -9.28 20.96
N SER A 2 6.63 -8.21 20.28
CA SER A 2 5.46 -7.45 20.67
C SER A 2 4.24 -7.89 19.86
N SER A 3 3.30 -8.56 20.53
CA SER A 3 2.09 -9.03 19.88
C SER A 3 1.05 -7.91 19.77
N GLY A 4 1.05 -7.22 18.63
CA GLY A 4 0.11 -6.13 18.43
C GLY A 4 0.73 -4.95 17.71
N SER A 5 1.35 -5.23 16.56
CA SER A 5 2.00 -4.18 15.77
C SER A 5 1.07 -2.99 15.61
N SER A 6 1.62 -1.89 15.11
CA SER A 6 0.85 -0.66 14.91
C SER A 6 0.30 -0.60 13.48
N GLY A 7 -0.58 0.35 13.24
CA GLY A 7 -1.18 0.50 11.92
C GLY A 7 -0.51 1.58 11.11
N GLU A 8 0.45 1.18 10.28
CA GLU A 8 1.17 2.13 9.43
C GLU A 8 0.83 1.91 7.96
N PRO A 9 0.73 3.03 7.21
CA PRO A 9 0.41 3.00 5.79
C PRO A 9 1.54 2.41 4.94
N VAL A 10 1.25 2.12 3.68
CA VAL A 10 2.24 1.55 2.78
C VAL A 10 3.16 2.64 2.23
N LEU A 11 4.29 2.85 2.88
CA LEU A 11 5.26 3.86 2.45
C LEU A 11 6.03 3.39 1.22
N CYS A 12 6.14 4.27 0.24
CA CYS A 12 6.86 3.95 -1.00
C CYS A 12 8.29 3.53 -0.69
N SER A 13 8.84 2.67 -1.54
CA SER A 13 10.21 2.19 -1.37
C SER A 13 11.19 3.36 -1.34
N ARG A 14 11.14 4.20 -2.37
CA ARG A 14 12.03 5.35 -2.46
C ARG A 14 12.02 6.14 -1.16
N THR A 15 13.17 6.73 -0.82
CA THR A 15 13.30 7.52 0.39
C THR A 15 12.89 8.97 0.17
N THR A 16 13.17 9.47 -1.04
CA THR A 16 12.83 10.85 -1.38
C THR A 16 11.34 10.98 -1.71
N CYS A 17 10.75 9.90 -2.21
CA CYS A 17 9.34 9.89 -2.56
C CYS A 17 8.48 10.09 -1.33
N ARG A 18 8.42 9.07 -0.47
CA ARG A 18 7.63 9.13 0.75
C ARG A 18 6.14 9.20 0.42
N ALA A 19 5.68 8.27 -0.42
CA ALA A 19 4.28 8.23 -0.81
C ALA A 19 3.52 7.18 -0.01
N VAL A 20 2.22 7.39 0.17
CA VAL A 20 1.38 6.46 0.91
C VAL A 20 0.25 5.94 0.05
N LEU A 21 -0.16 4.70 0.31
CA LEU A 21 -1.24 4.08 -0.44
C LEU A 21 -2.44 5.01 -0.55
N ASN A 22 -2.84 5.33 -1.78
CA ASN A 22 -3.97 6.21 -2.02
C ASN A 22 -4.81 5.72 -3.20
N PRO A 23 -6.07 6.15 -3.25
CA PRO A 23 -7.00 5.78 -4.32
C PRO A 23 -6.61 6.41 -5.66
N LEU A 24 -5.54 7.18 -5.66
CA LEU A 24 -5.08 7.85 -6.88
C LEU A 24 -4.08 6.97 -7.62
N CYS A 25 -3.26 6.24 -6.87
CA CYS A 25 -2.26 5.36 -7.47
C CYS A 25 -2.91 4.23 -8.24
N GLN A 26 -2.22 3.73 -9.25
CA GLN A 26 -2.74 2.64 -10.07
C GLN A 26 -2.26 1.29 -9.55
N VAL A 27 -3.10 0.63 -8.77
CA VAL A 27 -2.76 -0.68 -8.21
C VAL A 27 -3.64 -1.77 -8.79
N ASP A 28 -3.11 -2.99 -8.84
CA ASP A 28 -3.85 -4.13 -9.38
C ASP A 28 -3.91 -5.26 -8.35
N TYR A 29 -5.01 -5.32 -7.61
CA TYR A 29 -5.19 -6.36 -6.60
C TYR A 29 -4.97 -7.74 -7.19
N ARG A 30 -5.45 -7.94 -8.42
CA ARG A 30 -5.30 -9.22 -9.09
C ARG A 30 -3.84 -9.53 -9.37
N ALA A 31 -3.11 -8.53 -9.85
CA ALA A 31 -1.69 -8.69 -10.16
C ALA A 31 -0.83 -8.44 -8.92
N LYS A 32 -1.47 -8.03 -7.83
CA LYS A 32 -0.77 -7.76 -6.58
C LYS A 32 0.40 -6.81 -6.82
N LEU A 33 0.13 -5.70 -7.49
CA LEU A 33 1.16 -4.71 -7.78
C LEU A 33 0.60 -3.29 -7.70
N TRP A 34 1.25 -2.45 -6.92
CA TRP A 34 0.81 -1.06 -6.77
C TRP A 34 1.86 -0.10 -7.31
N ALA A 35 1.45 0.74 -8.26
CA ALA A 35 2.36 1.72 -8.86
C ALA A 35 2.15 3.10 -8.25
N CYS A 36 3.26 3.79 -7.99
CA CYS A 36 3.21 5.12 -7.40
C CYS A 36 2.67 6.13 -8.41
N ASN A 37 2.03 7.19 -7.90
CA ASN A 37 1.47 8.22 -8.75
C ASN A 37 2.47 9.35 -8.97
N PHE A 38 3.51 9.38 -8.15
CA PHE A 38 4.54 10.41 -8.24
C PHE A 38 5.81 9.85 -8.89
N CYS A 39 6.55 9.06 -8.13
CA CYS A 39 7.78 8.46 -8.63
C CYS A 39 7.49 7.43 -9.72
N TYR A 40 6.25 6.95 -9.75
CA TYR A 40 5.84 5.96 -10.75
C TYR A 40 6.72 4.71 -10.65
N GLN A 41 6.86 4.17 -9.45
CA GLN A 41 7.67 2.98 -9.25
C GLN A 41 6.80 1.79 -8.86
N ARG A 42 7.04 0.65 -9.52
CA ARG A 42 6.27 -0.56 -9.26
C ARG A 42 6.82 -1.29 -8.03
N ASN A 43 5.97 -1.48 -7.03
CA ASN A 43 6.36 -2.16 -5.81
C ASN A 43 5.34 -3.22 -5.42
N GLN A 44 5.82 -4.32 -4.84
CA GLN A 44 4.95 -5.41 -4.42
C GLN A 44 4.31 -5.11 -3.07
N PHE A 45 3.10 -5.59 -2.86
CA PHE A 45 2.38 -5.38 -1.62
C PHE A 45 3.23 -5.79 -0.42
N PRO A 46 2.98 -5.17 0.74
CA PRO A 46 3.70 -5.45 1.97
C PRO A 46 3.37 -6.83 2.53
N PRO A 47 4.30 -7.40 3.31
CA PRO A 47 4.13 -8.71 3.93
C PRO A 47 3.07 -8.71 5.03
N SER A 48 2.44 -7.56 5.22
CA SER A 48 1.41 -7.41 6.25
C SER A 48 0.08 -6.98 5.64
N TYR A 49 0.10 -5.83 4.97
CA TYR A 49 -1.10 -5.31 4.33
C TYR A 49 -2.34 -5.59 5.18
N ALA A 50 -2.17 -5.52 6.50
CA ALA A 50 -3.27 -5.77 7.42
C ALA A 50 -3.85 -4.45 7.95
N GLY A 51 -2.98 -3.57 8.41
CA GLY A 51 -3.42 -2.29 8.93
C GLY A 51 -3.64 -1.26 7.84
N ILE A 52 -4.39 -1.64 6.82
CA ILE A 52 -4.67 -0.74 5.70
C ILE A 52 -6.17 -0.62 5.44
N SER A 53 -6.60 0.53 4.96
CA SER A 53 -8.01 0.78 4.67
C SER A 53 -8.37 0.25 3.29
N GLU A 54 -7.56 0.61 2.29
CA GLU A 54 -7.80 0.18 0.92
C GLU A 54 -7.81 -1.35 0.83
N LEU A 55 -6.77 -1.98 1.33
CA LEU A 55 -6.67 -3.43 1.30
C LEU A 55 -7.77 -4.07 2.15
N ASN A 56 -8.52 -4.99 1.54
CA ASN A 56 -9.60 -5.67 2.23
C ASN A 56 -9.05 -6.64 3.28
N GLN A 57 -9.61 -6.57 4.48
CA GLN A 57 -9.17 -7.45 5.58
C GLN A 57 -10.33 -8.31 6.08
N PRO A 58 -10.61 -9.40 5.37
CA PRO A 58 -11.69 -10.33 5.73
C PRO A 58 -11.39 -11.11 7.00
N ALA A 59 -12.17 -10.86 8.05
CA ALA A 59 -11.98 -11.54 9.31
C ALA A 59 -13.22 -12.36 9.69
ZN ZN B . 6.85 6.53 -4.94
N GLY A 1 -4.65 -14.73 21.55
CA GLY A 1 -4.72 -13.62 22.47
C GLY A 1 -4.62 -12.28 21.78
N SER A 2 -3.54 -11.56 22.02
CA SER A 2 -3.33 -10.25 21.42
C SER A 2 -1.94 -10.14 20.81
N SER A 3 -1.88 -9.75 19.54
CA SER A 3 -0.61 -9.60 18.84
C SER A 3 -0.70 -8.53 17.76
N GLY A 4 0.10 -7.47 17.93
CA GLY A 4 0.10 -6.38 16.97
C GLY A 4 -1.30 -6.05 16.47
N SER A 5 -2.08 -5.38 17.30
CA SER A 5 -3.44 -5.01 16.93
C SER A 5 -3.45 -3.73 16.10
N SER A 6 -2.56 -3.66 15.13
CA SER A 6 -2.45 -2.50 14.26
C SER A 6 -1.87 -2.87 12.90
N GLY A 7 -2.02 -1.98 11.93
CA GLY A 7 -1.50 -2.24 10.59
C GLY A 7 -0.64 -1.11 10.08
N GLU A 8 0.55 -1.44 9.59
CA GLU A 8 1.47 -0.45 9.06
C GLU A 8 1.06 -0.02 7.65
N PRO A 9 1.16 1.30 7.37
CA PRO A 9 0.81 1.86 6.07
C PRO A 9 1.79 1.45 4.98
N VAL A 10 1.33 1.47 3.73
CA VAL A 10 2.18 1.12 2.60
C VAL A 10 2.99 2.31 2.11
N LEU A 11 4.17 2.51 2.70
CA LEU A 11 5.02 3.61 2.32
C LEU A 11 5.90 3.25 1.12
N CYS A 12 5.93 4.12 0.12
CA CYS A 12 6.72 3.89 -1.08
C CYS A 12 8.18 3.59 -0.73
N SER A 13 8.77 2.64 -1.43
CA SER A 13 10.15 2.25 -1.19
C SER A 13 11.08 3.46 -1.30
N ARG A 14 11.01 4.15 -2.45
CA ARG A 14 11.83 5.32 -2.69
C ARG A 14 11.83 6.24 -1.47
N THR A 15 12.94 6.26 -0.74
CA THR A 15 13.05 7.11 0.44
C THR A 15 12.58 8.53 0.16
N THR A 16 13.10 9.11 -0.92
CA THR A 16 12.73 10.47 -1.30
C THR A 16 11.23 10.59 -1.49
N CYS A 17 10.60 9.53 -1.97
CA CYS A 17 9.16 9.52 -2.20
C CYS A 17 8.41 9.30 -0.88
N ARG A 18 8.50 8.08 -0.35
CA ARG A 18 7.82 7.73 0.89
C ARG A 18 6.41 8.31 0.93
N ALA A 19 5.72 8.24 -0.20
CA ALA A 19 4.36 8.76 -0.31
C ALA A 19 3.34 7.73 0.17
N VAL A 20 2.33 8.19 0.89
CA VAL A 20 1.29 7.32 1.40
C VAL A 20 0.41 6.79 0.28
N LEU A 21 -0.06 5.55 0.43
CA LEU A 21 -0.92 4.93 -0.57
C LEU A 21 -2.17 5.77 -0.83
N ASN A 22 -2.42 6.06 -2.10
CA ASN A 22 -3.60 6.86 -2.47
C ASN A 22 -4.45 6.12 -3.50
N PRO A 23 -5.75 6.47 -3.55
CA PRO A 23 -6.69 5.86 -4.48
C PRO A 23 -6.43 6.25 -5.93
N LEU A 24 -5.49 7.18 -6.12
CA LEU A 24 -5.14 7.65 -7.45
C LEU A 24 -4.16 6.70 -8.13
N CYS A 25 -3.36 6.02 -7.31
CA CYS A 25 -2.37 5.08 -7.83
C CYS A 25 -3.05 3.91 -8.53
N GLN A 26 -2.27 3.14 -9.28
CA GLN A 26 -2.80 1.99 -10.01
C GLN A 26 -2.43 0.68 -9.31
N VAL A 27 -3.31 0.23 -8.42
CA VAL A 27 -3.07 -1.01 -7.68
C VAL A 27 -3.92 -2.15 -8.25
N ASP A 28 -3.25 -3.08 -8.93
CA ASP A 28 -3.94 -4.22 -9.53
C ASP A 28 -3.99 -5.38 -8.55
N TYR A 29 -4.90 -5.31 -7.58
CA TYR A 29 -5.04 -6.35 -6.57
C TYR A 29 -4.83 -7.73 -7.18
N ARG A 30 -5.14 -7.85 -8.47
CA ARG A 30 -4.99 -9.11 -9.18
C ARG A 30 -3.53 -9.55 -9.18
N ALA A 31 -2.63 -8.63 -9.53
CA ALA A 31 -1.21 -8.94 -9.57
C ALA A 31 -0.50 -8.38 -8.34
N LYS A 32 -1.27 -8.12 -7.29
CA LYS A 32 -0.71 -7.59 -6.05
C LYS A 32 0.37 -6.55 -6.33
N LEU A 33 0.08 -5.65 -7.26
CA LEU A 33 1.03 -4.60 -7.63
C LEU A 33 0.39 -3.22 -7.50
N TRP A 34 1.22 -2.21 -7.25
CA TRP A 34 0.74 -0.84 -7.10
C TRP A 34 1.79 0.16 -7.59
N ALA A 35 1.45 0.89 -8.64
CA ALA A 35 2.36 1.88 -9.20
C ALA A 35 2.12 3.26 -8.59
N CYS A 36 3.19 3.91 -8.18
CA CYS A 36 3.10 5.24 -7.57
C CYS A 36 2.63 6.28 -8.59
N ASN A 37 1.86 7.25 -8.12
CA ASN A 37 1.35 8.30 -8.98
C ASN A 37 2.30 9.48 -9.05
N PHE A 38 3.39 9.40 -8.28
CA PHE A 38 4.39 10.46 -8.24
C PHE A 38 5.70 9.99 -8.86
N CYS A 39 6.40 9.12 -8.14
CA CYS A 39 7.69 8.59 -8.61
C CYS A 39 7.47 7.59 -9.74
N TYR A 40 6.24 7.11 -9.87
CA TYR A 40 5.91 6.13 -10.91
C TYR A 40 6.81 4.91 -10.82
N GLN A 41 6.92 4.35 -9.62
CA GLN A 41 7.74 3.16 -9.40
C GLN A 41 6.89 1.97 -9.02
N ARG A 42 6.98 0.90 -9.79
CA ARG A 42 6.22 -0.31 -9.54
C ARG A 42 6.70 -1.01 -8.27
N ASN A 43 5.82 -1.12 -7.28
CA ASN A 43 6.16 -1.76 -6.02
C ASN A 43 5.20 -2.90 -5.71
N GLN A 44 5.57 -3.74 -4.76
CA GLN A 44 4.74 -4.88 -4.37
C GLN A 44 4.17 -4.68 -2.97
N PHE A 45 2.98 -5.23 -2.74
CA PHE A 45 2.32 -5.11 -1.44
C PHE A 45 3.26 -5.52 -0.31
N PRO A 46 3.05 -4.94 0.87
CA PRO A 46 3.86 -5.23 2.06
C PRO A 46 3.61 -6.63 2.60
N PRO A 47 4.49 -7.07 3.52
CA PRO A 47 4.38 -8.40 4.13
C PRO A 47 3.18 -8.51 5.08
N SER A 48 2.94 -7.43 5.83
CA SER A 48 1.83 -7.41 6.78
C SER A 48 0.72 -6.48 6.29
N TYR A 49 -0.22 -7.06 5.54
CA TYR A 49 -1.34 -6.29 5.01
C TYR A 49 -2.67 -6.99 5.31
N ALA A 50 -2.81 -7.48 6.54
CA ALA A 50 -4.02 -8.16 6.96
C ALA A 50 -5.16 -7.17 7.17
N GLY A 51 -4.90 -6.16 8.00
CA GLY A 51 -5.92 -5.15 8.28
C GLY A 51 -5.41 -3.75 8.03
N ILE A 52 -5.10 -3.44 6.78
CA ILE A 52 -4.61 -2.11 6.42
C ILE A 52 -5.76 -1.14 6.19
N SER A 53 -5.67 0.02 6.83
CA SER A 53 -6.71 1.03 6.71
C SER A 53 -6.82 1.53 5.27
N GLU A 54 -5.67 1.72 4.62
CA GLU A 54 -5.63 2.19 3.25
C GLU A 54 -6.30 1.18 2.31
N LEU A 55 -5.94 -0.10 2.47
CA LEU A 55 -6.50 -1.16 1.64
C LEU A 55 -7.85 -1.61 2.17
N ASN A 56 -8.60 -2.34 1.35
CA ASN A 56 -9.91 -2.84 1.74
C ASN A 56 -10.68 -1.77 2.51
N GLN A 57 -10.57 -0.53 2.06
CA GLN A 57 -11.27 0.59 2.70
C GLN A 57 -12.75 0.57 2.36
N PRO A 58 -13.58 1.10 3.27
CA PRO A 58 -15.03 1.18 3.07
C PRO A 58 -15.42 2.17 1.99
N ALA A 59 -16.03 1.67 0.92
CA ALA A 59 -16.46 2.52 -0.18
C ALA A 59 -17.36 3.65 0.31
ZN ZN B . 6.57 6.65 -4.92
N GLY A 1 -1.09 -10.48 11.58
CA GLY A 1 -0.62 -10.93 12.88
C GLY A 1 -1.76 -11.11 13.87
N SER A 2 -1.42 -11.58 15.07
CA SER A 2 -2.42 -11.80 16.11
C SER A 2 -3.51 -10.74 16.05
N SER A 3 -3.11 -9.49 16.25
CA SER A 3 -4.05 -8.37 16.23
C SER A 3 -3.50 -7.20 15.43
N GLY A 4 -4.29 -6.70 14.48
CA GLY A 4 -3.85 -5.58 13.66
C GLY A 4 -4.78 -4.39 13.76
N SER A 5 -4.28 -3.30 14.34
CA SER A 5 -5.08 -2.09 14.50
C SER A 5 -4.19 -0.85 14.43
N SER A 6 -4.62 0.13 13.63
CA SER A 6 -3.86 1.37 13.48
C SER A 6 -2.41 1.08 13.08
N GLY A 7 -2.24 0.09 12.19
CA GLY A 7 -0.91 -0.26 11.74
C GLY A 7 -0.22 0.87 11.00
N GLU A 8 0.66 0.52 10.07
CA GLU A 8 1.39 1.52 9.30
C GLU A 8 1.05 1.43 7.82
N PRO A 9 0.95 2.59 7.15
CA PRO A 9 0.62 2.66 5.73
C PRO A 9 1.75 2.14 4.85
N VAL A 10 1.43 1.86 3.58
CA VAL A 10 2.42 1.37 2.64
C VAL A 10 3.22 2.50 2.01
N LEU A 11 4.32 2.87 2.64
CA LEU A 11 5.17 3.95 2.14
C LEU A 11 5.93 3.52 0.89
N CYS A 12 5.99 4.39 -0.10
CA CYS A 12 6.68 4.10 -1.34
C CYS A 12 8.08 3.55 -1.07
N SER A 13 8.50 2.58 -1.89
CA SER A 13 9.81 1.96 -1.72
C SER A 13 10.88 3.02 -1.49
N ARG A 14 10.93 4.01 -2.38
CA ARG A 14 11.92 5.08 -2.28
C ARG A 14 11.76 5.83 -0.95
N THR A 15 12.88 6.36 -0.46
CA THR A 15 12.87 7.09 0.81
C THR A 15 12.55 8.57 0.59
N THR A 16 12.97 9.10 -0.56
CA THR A 16 12.72 10.49 -0.89
C THR A 16 11.27 10.71 -1.32
N CYS A 17 10.70 9.71 -1.96
CA CYS A 17 9.31 9.79 -2.42
C CYS A 17 8.35 9.93 -1.24
N ARG A 18 8.25 8.88 -0.44
CA ARG A 18 7.37 8.88 0.73
C ARG A 18 5.92 9.01 0.30
N ALA A 19 5.52 8.23 -0.70
CA ALA A 19 4.15 8.26 -1.19
C ALA A 19 3.28 7.25 -0.46
N VAL A 20 2.38 7.74 0.38
CA VAL A 20 1.48 6.88 1.14
C VAL A 20 0.37 6.32 0.25
N LEU A 21 0.13 5.02 0.39
CA LEU A 21 -0.90 4.35 -0.40
C LEU A 21 -2.14 5.23 -0.53
N ASN A 22 -2.50 5.57 -1.77
CA ASN A 22 -3.66 6.41 -2.03
C ASN A 22 -4.51 5.83 -3.15
N PRO A 23 -5.80 6.19 -3.17
CA PRO A 23 -6.74 5.73 -4.19
C PRO A 23 -6.45 6.31 -5.56
N LEU A 24 -5.40 7.12 -5.66
CA LEU A 24 -5.02 7.75 -6.90
C LEU A 24 -4.04 6.88 -7.67
N CYS A 25 -3.17 6.18 -6.95
CA CYS A 25 -2.19 5.30 -7.57
C CYS A 25 -2.86 4.22 -8.40
N GLN A 26 -2.09 3.57 -9.27
CA GLN A 26 -2.62 2.52 -10.12
C GLN A 26 -2.22 1.14 -9.62
N VAL A 27 -3.06 0.57 -8.75
CA VAL A 27 -2.78 -0.75 -8.18
C VAL A 27 -3.62 -1.82 -8.87
N ASP A 28 -3.06 -3.01 -9.00
CA ASP A 28 -3.75 -4.13 -9.63
C ASP A 28 -3.84 -5.32 -8.69
N TYR A 29 -4.79 -5.26 -7.75
CA TYR A 29 -4.97 -6.34 -6.79
C TYR A 29 -4.70 -7.70 -7.42
N ARG A 30 -5.32 -7.94 -8.57
CA ARG A 30 -5.15 -9.19 -9.29
C ARG A 30 -3.68 -9.63 -9.28
N ALA A 31 -2.79 -8.69 -9.59
CA ALA A 31 -1.36 -8.98 -9.62
C ALA A 31 -0.69 -8.54 -8.32
N LYS A 32 -1.46 -7.88 -7.46
CA LYS A 32 -0.94 -7.40 -6.18
C LYS A 32 0.25 -6.46 -6.39
N LEU A 33 0.03 -5.43 -7.21
CA LEU A 33 1.08 -4.46 -7.49
C LEU A 33 0.53 -3.03 -7.47
N TRP A 34 1.13 -2.19 -6.64
CA TRP A 34 0.69 -0.79 -6.53
C TRP A 34 1.77 0.15 -7.04
N ALA A 35 1.49 0.80 -8.16
CA ALA A 35 2.43 1.74 -8.76
C ALA A 35 2.22 3.15 -8.20
N CYS A 36 3.33 3.86 -7.96
CA CYS A 36 3.27 5.21 -7.44
C CYS A 36 2.69 6.17 -8.46
N ASN A 37 2.05 7.23 -7.97
CA ASN A 37 1.44 8.23 -8.85
C ASN A 37 2.42 9.36 -9.15
N PHE A 38 3.45 9.47 -8.32
CA PHE A 38 4.46 10.51 -8.49
C PHE A 38 5.71 9.95 -9.16
N CYS A 39 6.50 9.20 -8.39
CA CYS A 39 7.72 8.60 -8.91
C CYS A 39 7.42 7.56 -9.97
N TYR A 40 6.20 7.04 -9.95
CA TYR A 40 5.77 6.03 -10.91
C TYR A 40 6.64 4.78 -10.80
N GLN A 41 6.84 4.31 -9.58
CA GLN A 41 7.65 3.12 -9.34
C GLN A 41 6.78 1.94 -8.95
N ARG A 42 6.95 0.82 -9.66
CA ARG A 42 6.17 -0.38 -9.39
C ARG A 42 6.67 -1.08 -8.13
N ASN A 43 5.76 -1.35 -7.20
CA ASN A 43 6.11 -2.01 -5.95
C ASN A 43 5.08 -3.07 -5.59
N GLN A 44 5.51 -4.07 -4.83
CA GLN A 44 4.62 -5.16 -4.42
C GLN A 44 4.12 -4.94 -2.99
N PHE A 45 2.95 -5.50 -2.69
CA PHE A 45 2.36 -5.36 -1.36
C PHE A 45 3.31 -5.92 -0.29
N PRO A 46 3.30 -5.28 0.88
CA PRO A 46 4.15 -5.69 2.01
C PRO A 46 3.70 -7.01 2.61
N PRO A 47 4.55 -7.58 3.50
CA PRO A 47 4.26 -8.86 4.16
C PRO A 47 3.12 -8.73 5.19
N SER A 48 3.02 -7.56 5.80
CA SER A 48 1.98 -7.32 6.80
C SER A 48 1.03 -6.22 6.34
N TYR A 49 0.07 -6.60 5.50
CA TYR A 49 -0.91 -5.64 4.98
C TYR A 49 -2.25 -5.81 5.68
N ALA A 50 -2.21 -5.93 7.01
CA ALA A 50 -3.42 -6.09 7.80
C ALA A 50 -3.74 -4.81 8.57
N GLY A 51 -2.75 -4.29 9.29
CA GLY A 51 -2.95 -3.08 10.05
C GLY A 51 -3.65 -1.99 9.26
N ILE A 52 -3.30 -1.88 7.99
CA ILE A 52 -3.91 -0.87 7.12
C ILE A 52 -5.43 -0.94 7.16
N SER A 53 -6.07 0.21 7.19
CA SER A 53 -7.53 0.29 7.23
C SER A 53 -8.12 0.21 5.83
N GLU A 54 -7.64 1.08 4.95
CA GLU A 54 -8.12 1.13 3.57
C GLU A 54 -8.17 -0.28 2.97
N LEU A 55 -7.04 -0.97 3.02
CA LEU A 55 -6.94 -2.33 2.48
C LEU A 55 -8.03 -3.22 3.05
N ASN A 56 -8.06 -3.33 4.37
CA ASN A 56 -9.06 -4.15 5.05
C ASN A 56 -9.99 -3.29 5.89
N GLN A 57 -11.28 -3.29 5.53
CA GLN A 57 -12.27 -2.50 6.26
C GLN A 57 -12.48 -3.07 7.66
N PRO A 58 -12.88 -2.19 8.60
CA PRO A 58 -13.13 -2.58 9.99
C PRO A 58 -14.38 -3.45 10.14
N ALA A 59 -14.49 -4.13 11.27
CA ALA A 59 -15.62 -5.00 11.53
C ALA A 59 -16.93 -4.33 11.12
ZN ZN B . 6.95 6.79 -5.21
N GLY A 1 -13.60 -9.53 19.65
CA GLY A 1 -12.65 -9.36 20.72
C GLY A 1 -12.06 -7.96 20.76
N SER A 2 -10.74 -7.87 20.95
CA SER A 2 -10.08 -6.58 21.01
C SER A 2 -10.24 -5.81 19.71
N SER A 3 -10.39 -4.49 19.82
CA SER A 3 -10.57 -3.65 18.64
C SER A 3 -9.71 -4.13 17.48
N GLY A 4 -8.43 -4.40 17.78
CA GLY A 4 -7.53 -4.87 16.75
C GLY A 4 -7.48 -3.95 15.54
N SER A 5 -6.78 -2.84 15.68
CA SER A 5 -6.67 -1.86 14.60
C SER A 5 -5.20 -1.61 14.25
N SER A 6 -4.42 -2.68 14.21
CA SER A 6 -3.00 -2.57 13.89
C SER A 6 -2.77 -2.60 12.38
N GLY A 7 -2.38 -1.45 11.82
CA GLY A 7 -2.14 -1.37 10.39
C GLY A 7 -0.97 -0.46 10.06
N GLU A 8 0.06 -1.03 9.44
CA GLU A 8 1.24 -0.27 9.06
C GLU A 8 1.00 0.51 7.78
N PRO A 9 1.38 1.79 7.77
CA PRO A 9 1.22 2.68 6.62
C PRO A 9 2.15 2.30 5.47
N VAL A 10 1.55 1.97 4.32
CA VAL A 10 2.32 1.60 3.15
C VAL A 10 3.12 2.79 2.60
N LEU A 11 4.34 2.95 3.11
CA LEU A 11 5.20 4.05 2.68
C LEU A 11 6.02 3.65 1.46
N CYS A 12 5.81 4.34 0.35
CA CYS A 12 6.53 4.07 -0.89
C CYS A 12 7.98 3.69 -0.58
N SER A 13 8.55 2.85 -1.45
CA SER A 13 9.93 2.41 -1.28
C SER A 13 10.90 3.57 -1.47
N ARG A 14 10.80 4.24 -2.61
CA ARG A 14 11.67 5.37 -2.92
C ARG A 14 11.78 6.31 -1.72
N THR A 15 12.97 6.30 -1.09
CA THR A 15 13.21 7.15 0.06
C THR A 15 12.83 8.61 -0.22
N THR A 16 13.08 9.04 -1.45
CA THR A 16 12.76 10.41 -1.85
C THR A 16 11.25 10.61 -1.99
N CYS A 17 10.55 9.52 -2.32
CA CYS A 17 9.11 9.57 -2.49
C CYS A 17 8.39 9.47 -1.15
N ARG A 18 8.55 8.33 -0.48
CA ARG A 18 7.92 8.11 0.81
C ARG A 18 6.50 8.67 0.83
N ALA A 19 5.78 8.50 -0.28
CA ALA A 19 4.42 8.99 -0.39
C ALA A 19 3.43 7.98 0.18
N VAL A 20 2.39 8.49 0.85
CA VAL A 20 1.37 7.64 1.45
C VAL A 20 0.41 7.11 0.39
N LEU A 21 -0.05 5.87 0.57
CA LEU A 21 -0.98 5.26 -0.37
C LEU A 21 -2.19 6.15 -0.60
N ASN A 22 -2.57 6.33 -1.87
CA ASN A 22 -3.71 7.16 -2.22
C ASN A 22 -4.60 6.45 -3.24
N PRO A 23 -5.87 6.87 -3.31
CA PRO A 23 -6.84 6.29 -4.24
C PRO A 23 -6.55 6.66 -5.69
N LEU A 24 -5.46 7.40 -5.90
CA LEU A 24 -5.06 7.82 -7.24
C LEU A 24 -4.14 6.79 -7.89
N CYS A 25 -3.17 6.30 -7.12
CA CYS A 25 -2.23 5.31 -7.61
C CYS A 25 -2.96 4.14 -8.28
N GLN A 26 -2.24 3.41 -9.12
CA GLN A 26 -2.82 2.28 -9.83
C GLN A 26 -2.65 0.98 -9.04
N VAL A 27 -3.68 0.60 -8.30
CA VAL A 27 -3.65 -0.61 -7.50
C VAL A 27 -4.01 -1.83 -8.33
N ASP A 28 -3.13 -2.82 -8.34
CA ASP A 28 -3.35 -4.05 -9.09
C ASP A 28 -3.45 -5.25 -8.16
N TYR A 29 -4.68 -5.71 -7.92
CA TYR A 29 -4.91 -6.85 -7.05
C TYR A 29 -4.54 -8.16 -7.74
N ARG A 30 -5.00 -8.31 -8.98
CA ARG A 30 -4.71 -9.52 -9.76
C ARG A 30 -3.21 -9.68 -9.97
N ALA A 31 -2.54 -8.57 -10.30
CA ALA A 31 -1.10 -8.60 -10.54
C ALA A 31 -0.32 -8.45 -9.23
N LYS A 32 -1.05 -8.24 -8.14
CA LYS A 32 -0.44 -8.08 -6.83
C LYS A 32 0.67 -7.03 -6.88
N LEU A 33 0.37 -5.88 -7.46
CA LEU A 33 1.35 -4.80 -7.57
C LEU A 33 0.66 -3.44 -7.64
N TRP A 34 1.31 -2.43 -7.08
CA TRP A 34 0.76 -1.07 -7.07
C TRP A 34 1.78 -0.07 -7.61
N ALA A 35 1.36 0.71 -8.60
CA ALA A 35 2.23 1.71 -9.20
C ALA A 35 1.95 3.09 -8.62
N CYS A 36 3.02 3.76 -8.18
CA CYS A 36 2.90 5.09 -7.60
C CYS A 36 2.45 6.11 -8.65
N ASN A 37 1.78 7.16 -8.20
CA ASN A 37 1.29 8.21 -9.09
C ASN A 37 2.32 9.32 -9.23
N PHE A 38 3.24 9.39 -8.28
CA PHE A 38 4.28 10.41 -8.29
C PHE A 38 5.59 9.87 -8.87
N CYS A 39 6.28 9.06 -8.07
CA CYS A 39 7.54 8.47 -8.50
C CYS A 39 7.33 7.48 -9.64
N TYR A 40 6.11 6.93 -9.72
CA TYR A 40 5.77 5.97 -10.77
C TYR A 40 6.67 4.74 -10.68
N GLN A 41 6.74 4.15 -9.49
CA GLN A 41 7.55 2.96 -9.28
C GLN A 41 6.70 1.80 -8.77
N ARG A 42 6.94 0.62 -9.33
CA ARG A 42 6.18 -0.57 -8.94
C ARG A 42 6.79 -1.21 -7.68
N ASN A 43 5.93 -1.55 -6.73
CA ASN A 43 6.38 -2.16 -5.49
C ASN A 43 5.42 -3.26 -5.05
N GLN A 44 5.97 -4.45 -4.82
CA GLN A 44 5.16 -5.59 -4.41
C GLN A 44 4.43 -5.30 -3.10
N PHE A 45 3.24 -5.87 -2.94
CA PHE A 45 2.45 -5.66 -1.74
C PHE A 45 3.18 -6.17 -0.51
N PRO A 46 3.00 -5.46 0.62
CA PRO A 46 3.64 -5.83 1.89
C PRO A 46 3.06 -7.11 2.49
N PRO A 47 3.74 -7.64 3.51
CA PRO A 47 3.31 -8.87 4.19
C PRO A 47 2.04 -8.66 5.01
N SER A 48 1.93 -7.50 5.63
CA SER A 48 0.77 -7.18 6.45
C SER A 48 -0.13 -6.14 5.75
N TYR A 49 -1.01 -6.62 4.88
CA TYR A 49 -1.92 -5.74 4.15
C TYR A 49 -3.37 -6.04 4.52
N ALA A 50 -3.73 -7.31 4.55
CA ALA A 50 -5.08 -7.72 4.88
C ALA A 50 -5.68 -6.81 5.95
N GLY A 51 -4.95 -6.62 7.04
CA GLY A 51 -5.41 -5.77 8.12
C GLY A 51 -5.84 -4.40 7.63
N ILE A 52 -5.02 -3.80 6.77
CA ILE A 52 -5.31 -2.47 6.23
C ILE A 52 -6.74 -2.40 5.71
N SER A 53 -7.59 -1.68 6.43
CA SER A 53 -8.99 -1.53 6.03
C SER A 53 -9.11 -1.27 4.53
N GLU A 54 -8.32 -0.33 4.03
CA GLU A 54 -8.33 0.01 2.62
C GLU A 54 -8.17 -1.25 1.76
N LEU A 55 -7.15 -2.04 2.08
CA LEU A 55 -6.88 -3.26 1.33
C LEU A 55 -7.57 -4.46 1.99
N ASN A 56 -8.75 -4.82 1.49
CA ASN A 56 -9.50 -5.95 2.04
C ASN A 56 -10.20 -6.71 0.92
N GLN A 57 -9.87 -7.99 0.79
CA GLN A 57 -10.48 -8.83 -0.24
C GLN A 57 -10.37 -10.31 0.13
N PRO A 58 -11.35 -11.10 -0.30
CA PRO A 58 -11.39 -12.53 -0.02
C PRO A 58 -10.31 -13.30 -0.78
N ALA A 59 -9.50 -14.06 -0.04
CA ALA A 59 -8.44 -14.84 -0.65
C ALA A 59 -7.68 -14.03 -1.70
ZN ZN B . 6.28 6.65 -4.92
N GLY A 1 -7.29 -0.03 22.86
CA GLY A 1 -7.99 -1.27 22.52
C GLY A 1 -7.04 -2.35 22.06
N SER A 2 -7.06 -2.63 20.76
CA SER A 2 -6.20 -3.66 20.19
C SER A 2 -4.84 -3.10 19.82
N SER A 3 -3.78 -3.74 20.29
CA SER A 3 -2.42 -3.30 20.00
C SER A 3 -1.45 -4.49 19.99
N GLY A 4 -0.20 -4.21 19.62
CA GLY A 4 0.80 -5.26 19.58
C GLY A 4 1.03 -5.78 18.17
N SER A 5 2.15 -5.42 17.58
CA SER A 5 2.48 -5.85 16.23
C SER A 5 1.48 -5.29 15.22
N SER A 6 1.09 -4.04 15.41
CA SER A 6 0.14 -3.39 14.52
C SER A 6 0.66 -3.35 13.08
N GLY A 7 1.86 -2.79 12.91
CA GLY A 7 2.45 -2.70 11.60
C GLY A 7 2.60 -1.27 11.13
N GLU A 8 3.72 -0.97 10.48
CA GLU A 8 3.97 0.38 9.98
C GLU A 8 3.14 0.66 8.73
N PRO A 9 2.91 1.95 8.45
CA PRO A 9 2.13 2.39 7.30
C PRO A 9 2.85 2.13 5.98
N VAL A 10 2.08 1.93 4.92
CA VAL A 10 2.65 1.66 3.59
C VAL A 10 3.37 2.90 3.06
N LEU A 11 4.69 2.89 3.14
CA LEU A 11 5.50 4.01 2.66
C LEU A 11 6.25 3.62 1.39
N CYS A 12 6.09 4.42 0.34
CA CYS A 12 6.75 4.17 -0.93
C CYS A 12 8.21 3.76 -0.70
N SER A 13 8.70 2.85 -1.54
CA SER A 13 10.08 2.38 -1.43
C SER A 13 11.05 3.55 -1.55
N ARG A 14 10.86 4.37 -2.58
CA ARG A 14 11.73 5.51 -2.82
C ARG A 14 12.03 6.25 -1.51
N THR A 15 13.09 7.05 -1.50
CA THR A 15 13.47 7.80 -0.33
C THR A 15 12.81 9.18 -0.31
N THR A 16 12.93 9.88 -1.43
CA THR A 16 12.35 11.22 -1.55
C THR A 16 10.91 11.14 -2.08
N CYS A 17 10.17 10.13 -1.64
CA CYS A 17 8.79 9.94 -2.06
C CYS A 17 7.88 9.64 -0.87
N ARG A 18 8.16 8.53 -0.20
CA ARG A 18 7.37 8.13 0.96
C ARG A 18 5.89 8.46 0.76
N ALA A 19 5.42 8.27 -0.48
CA ALA A 19 4.03 8.53 -0.81
C ALA A 19 3.11 7.42 -0.30
N VAL A 20 2.27 7.75 0.67
CA VAL A 20 1.35 6.79 1.25
C VAL A 20 0.34 6.30 0.22
N LEU A 21 0.08 5.00 0.21
CA LEU A 21 -0.87 4.41 -0.73
C LEU A 21 -2.08 5.32 -0.93
N ASN A 22 -2.33 5.72 -2.17
CA ASN A 22 -3.45 6.59 -2.49
C ASN A 22 -4.37 5.94 -3.53
N PRO A 23 -5.63 6.38 -3.56
CA PRO A 23 -6.63 5.86 -4.49
C PRO A 23 -6.35 6.27 -5.93
N LEU A 24 -5.24 6.98 -6.13
CA LEU A 24 -4.86 7.44 -7.46
C LEU A 24 -3.86 6.48 -8.10
N CYS A 25 -3.02 5.88 -7.28
CA CYS A 25 -2.01 4.93 -7.77
C CYS A 25 -2.67 3.85 -8.61
N GLN A 26 -1.84 3.08 -9.32
CA GLN A 26 -2.34 2.01 -10.17
C GLN A 26 -2.14 0.64 -9.50
N VAL A 27 -3.10 0.26 -8.67
CA VAL A 27 -3.03 -1.02 -7.97
C VAL A 27 -3.87 -2.09 -8.68
N ASP A 28 -3.25 -3.21 -8.99
CA ASP A 28 -3.93 -4.31 -9.67
C ASP A 28 -4.09 -5.51 -8.74
N TYR A 29 -5.06 -5.43 -7.84
CA TYR A 29 -5.32 -6.51 -6.90
C TYR A 29 -4.98 -7.86 -7.51
N ARG A 30 -5.37 -8.06 -8.76
CA ARG A 30 -5.12 -9.30 -9.47
C ARG A 30 -3.62 -9.62 -9.49
N ALA A 31 -2.82 -8.62 -9.87
CA ALA A 31 -1.38 -8.79 -9.94
C ALA A 31 -0.70 -8.25 -8.68
N LYS A 32 -1.50 -8.01 -7.64
CA LYS A 32 -0.98 -7.49 -6.38
C LYS A 32 0.17 -6.52 -6.63
N LEU A 33 0.00 -5.63 -7.59
CA LEU A 33 1.03 -4.64 -7.92
C LEU A 33 0.47 -3.23 -7.89
N TRP A 34 1.11 -2.36 -7.13
CA TRP A 34 0.68 -0.97 -7.02
C TRP A 34 1.80 -0.01 -7.38
N ALA A 35 1.59 0.76 -8.44
CA ALA A 35 2.60 1.72 -8.90
C ALA A 35 2.35 3.09 -8.30
N CYS A 36 3.43 3.77 -7.90
CA CYS A 36 3.33 5.10 -7.31
C CYS A 36 2.81 6.11 -8.33
N ASN A 37 2.13 7.13 -7.83
CA ASN A 37 1.58 8.18 -8.70
C ASN A 37 2.56 9.33 -8.86
N PHE A 38 3.54 9.39 -7.95
CA PHE A 38 4.54 10.45 -7.99
C PHE A 38 5.82 9.96 -8.66
N CYS A 39 6.59 9.15 -7.93
CA CYS A 39 7.84 8.62 -8.45
C CYS A 39 7.58 7.64 -9.61
N TYR A 40 6.39 7.04 -9.61
CA TYR A 40 6.02 6.09 -10.65
C TYR A 40 6.87 4.83 -10.55
N GLN A 41 6.92 4.25 -9.37
CA GLN A 41 7.69 3.03 -9.15
C GLN A 41 6.78 1.87 -8.75
N ARG A 42 6.87 0.76 -9.50
CA ARG A 42 6.05 -0.41 -9.22
C ARG A 42 6.52 -1.11 -7.95
N ASN A 43 5.57 -1.39 -7.06
CA ASN A 43 5.88 -2.07 -5.81
C ASN A 43 4.83 -3.12 -5.49
N GLN A 44 5.27 -4.24 -4.91
CA GLN A 44 4.37 -5.32 -4.55
C GLN A 44 3.74 -5.08 -3.18
N PHE A 45 2.53 -5.60 -2.99
CA PHE A 45 1.82 -5.44 -1.74
C PHE A 45 2.69 -5.85 -0.56
N PRO A 46 2.52 -5.17 0.58
CA PRO A 46 3.28 -5.46 1.80
C PRO A 46 2.90 -6.79 2.43
N PRO A 47 3.76 -7.30 3.33
CA PRO A 47 3.53 -8.57 4.02
C PRO A 47 2.38 -8.48 5.02
N SER A 48 2.40 -7.44 5.84
CA SER A 48 1.37 -7.24 6.84
C SER A 48 0.51 -6.02 6.52
N TYR A 49 -0.42 -6.20 5.59
CA TYR A 49 -1.31 -5.11 5.18
C TYR A 49 -2.50 -4.98 6.13
N ALA A 50 -2.23 -5.16 7.42
CA ALA A 50 -3.27 -5.06 8.44
C ALA A 50 -3.44 -3.63 8.91
N GLY A 51 -4.64 -3.30 9.39
CA GLY A 51 -4.91 -1.96 9.86
C GLY A 51 -4.95 -0.94 8.74
N ILE A 52 -5.23 -1.40 7.54
CA ILE A 52 -5.30 -0.52 6.38
C ILE A 52 -6.65 -0.65 5.67
N SER A 53 -7.58 0.22 6.04
CA SER A 53 -8.92 0.21 5.45
C SER A 53 -8.84 0.41 3.93
N GLU A 54 -8.04 1.38 3.50
CA GLU A 54 -7.88 1.68 2.09
C GLU A 54 -7.69 0.39 1.29
N LEU A 55 -7.12 -0.62 1.93
CA LEU A 55 -6.89 -1.90 1.27
C LEU A 55 -7.98 -2.90 1.64
N ASN A 56 -8.07 -3.23 2.93
CA ASN A 56 -9.07 -4.18 3.40
C ASN A 56 -10.38 -4.02 2.65
N GLN A 57 -10.77 -2.78 2.40
CA GLN A 57 -12.01 -2.49 1.69
C GLN A 57 -11.94 -3.02 0.26
N PRO A 58 -13.04 -3.64 -0.19
CA PRO A 58 -13.14 -4.21 -1.54
C PRO A 58 -13.19 -3.13 -2.61
N ALA A 59 -12.52 -3.39 -3.74
CA ALA A 59 -12.50 -2.44 -4.85
C ALA A 59 -12.63 -3.15 -6.19
ZN ZN B . 6.84 6.80 -4.91
N GLY A 1 -7.42 -11.65 12.51
CA GLY A 1 -8.40 -10.70 12.99
C GLY A 1 -8.60 -10.80 14.49
N SER A 2 -8.46 -9.67 15.19
CA SER A 2 -8.62 -9.64 16.63
C SER A 2 -9.07 -8.25 17.10
N SER A 3 -9.43 -8.15 18.38
CA SER A 3 -9.88 -6.89 18.95
C SER A 3 -8.90 -5.76 18.63
N GLY A 4 -9.34 -4.81 17.81
CA GLY A 4 -8.48 -3.70 17.45
C GLY A 4 -7.49 -4.06 16.37
N SER A 5 -7.13 -3.07 15.54
CA SER A 5 -6.19 -3.29 14.45
C SER A 5 -4.80 -2.76 14.82
N SER A 6 -3.83 -3.02 13.95
CA SER A 6 -2.46 -2.57 14.18
C SER A 6 -1.63 -2.69 12.91
N GLY A 7 -0.74 -1.72 12.70
CA GLY A 7 0.11 -1.75 11.52
C GLY A 7 0.51 -0.36 11.07
N GLU A 8 1.68 -0.25 10.44
CA GLU A 8 2.18 1.03 9.96
C GLU A 8 1.70 1.30 8.55
N PRO A 9 1.69 2.59 8.17
CA PRO A 9 1.26 3.02 6.84
C PRO A 9 2.23 2.59 5.74
N VAL A 10 1.69 2.18 4.60
CA VAL A 10 2.51 1.74 3.48
C VAL A 10 3.28 2.91 2.88
N LEU A 11 4.55 3.04 3.27
CA LEU A 11 5.40 4.11 2.77
C LEU A 11 6.14 3.67 1.51
N CYS A 12 5.99 4.44 0.44
CA CYS A 12 6.65 4.14 -0.82
C CYS A 12 8.10 3.72 -0.59
N SER A 13 8.57 2.76 -1.38
CA SER A 13 9.94 2.27 -1.26
C SER A 13 10.94 3.40 -1.40
N ARG A 14 10.87 4.11 -2.54
CA ARG A 14 11.77 5.22 -2.80
C ARG A 14 11.95 6.07 -1.55
N THR A 15 13.21 6.36 -1.21
CA THR A 15 13.52 7.17 -0.04
C THR A 15 13.16 8.64 -0.27
N THR A 16 13.15 9.04 -1.54
CA THR A 16 12.82 10.42 -1.89
C THR A 16 11.32 10.62 -1.98
N CYS A 17 10.60 9.53 -2.22
CA CYS A 17 9.15 9.59 -2.34
C CYS A 17 8.48 9.33 -0.98
N ARG A 18 8.65 8.12 -0.48
CA ARG A 18 8.06 7.74 0.81
C ARG A 18 6.62 8.22 0.91
N ALA A 19 5.85 7.98 -0.15
CA ALA A 19 4.45 8.38 -0.17
C ALA A 19 3.57 7.36 0.53
N VAL A 20 2.28 7.68 0.67
CA VAL A 20 1.34 6.79 1.32
C VAL A 20 0.34 6.22 0.32
N LEU A 21 0.08 4.92 0.41
CA LEU A 21 -0.86 4.26 -0.49
C LEU A 21 -2.13 5.10 -0.66
N ASN A 22 -2.38 5.52 -1.90
CA ASN A 22 -3.56 6.32 -2.20
C ASN A 22 -4.46 5.61 -3.21
N PRO A 23 -5.73 6.00 -3.24
CA PRO A 23 -6.72 5.42 -4.15
C PRO A 23 -6.47 5.79 -5.61
N LEU A 24 -5.65 6.81 -5.81
CA LEU A 24 -5.33 7.26 -7.16
C LEU A 24 -4.28 6.35 -7.81
N CYS A 25 -3.40 5.79 -6.99
CA CYS A 25 -2.36 4.89 -7.49
C CYS A 25 -2.97 3.78 -8.34
N GLN A 26 -2.13 3.13 -9.15
CA GLN A 26 -2.58 2.06 -10.01
C GLN A 26 -2.28 0.70 -9.39
N VAL A 27 -3.22 0.18 -8.61
CA VAL A 27 -3.04 -1.12 -7.95
C VAL A 27 -3.89 -2.18 -8.65
N ASP A 28 -3.20 -3.14 -9.27
CA ASP A 28 -3.88 -4.24 -9.96
C ASP A 28 -4.02 -5.46 -9.05
N TYR A 29 -5.02 -5.43 -8.18
CA TYR A 29 -5.26 -6.54 -7.26
C TYR A 29 -4.99 -7.88 -7.93
N ARG A 30 -5.15 -7.91 -9.25
CA ARG A 30 -4.92 -9.13 -10.02
C ARG A 30 -3.46 -9.56 -9.94
N ALA A 31 -2.57 -8.66 -10.32
CA ALA A 31 -1.13 -8.94 -10.30
C ALA A 31 -0.51 -8.47 -8.99
N LYS A 32 -1.33 -8.31 -7.96
CA LYS A 32 -0.86 -7.86 -6.65
C LYS A 32 0.26 -6.85 -6.81
N LEU A 33 0.05 -5.85 -7.66
CA LEU A 33 1.04 -4.81 -7.89
C LEU A 33 0.43 -3.42 -7.77
N TRP A 34 1.24 -2.45 -7.38
CA TRP A 34 0.77 -1.07 -7.23
C TRP A 34 1.87 -0.09 -7.59
N ALA A 35 1.59 0.75 -8.59
CA ALA A 35 2.55 1.75 -9.04
C ALA A 35 2.25 3.11 -8.43
N CYS A 36 3.30 3.84 -8.06
CA CYS A 36 3.15 5.16 -7.46
C CYS A 36 2.63 6.16 -8.49
N ASN A 37 1.88 7.16 -8.01
CA ASN A 37 1.32 8.18 -8.89
C ASN A 37 2.27 9.37 -8.99
N PHE A 38 3.27 9.40 -8.14
CA PHE A 38 4.24 10.49 -8.13
C PHE A 38 5.57 10.04 -8.75
N CYS A 39 6.32 9.25 -8.01
CA CYS A 39 7.61 8.75 -8.48
C CYS A 39 7.42 7.75 -9.62
N TYR A 40 6.22 7.21 -9.73
CA TYR A 40 5.90 6.24 -10.77
C TYR A 40 6.81 5.02 -10.67
N GLN A 41 6.84 4.41 -9.49
CA GLN A 41 7.67 3.24 -9.26
C GLN A 41 6.82 2.03 -8.88
N ARG A 42 6.92 0.97 -9.66
CA ARG A 42 6.15 -0.25 -9.40
C ARG A 42 6.64 -0.95 -8.13
N ASN A 43 5.76 -1.04 -7.14
CA ASN A 43 6.12 -1.69 -5.88
C ASN A 43 5.18 -2.86 -5.58
N GLN A 44 5.53 -3.65 -4.58
CA GLN A 44 4.71 -4.80 -4.19
C GLN A 44 3.98 -4.53 -2.89
N PHE A 45 2.83 -5.17 -2.72
CA PHE A 45 2.03 -5.00 -1.51
C PHE A 45 2.87 -5.23 -0.26
N PRO A 46 2.46 -4.61 0.85
CA PRO A 46 3.17 -4.73 2.14
C PRO A 46 3.03 -6.12 2.74
N PRO A 47 3.81 -6.38 3.80
CA PRO A 47 3.80 -7.67 4.50
C PRO A 47 2.51 -7.89 5.27
N SER A 48 1.91 -6.82 5.75
CA SER A 48 0.66 -6.90 6.51
C SER A 48 -0.34 -5.86 6.03
N TYR A 49 -1.13 -6.23 5.03
CA TYR A 49 -2.14 -5.32 4.48
C TYR A 49 -3.53 -5.65 5.02
N ALA A 50 -3.58 -6.05 6.29
CA ALA A 50 -4.84 -6.39 6.93
C ALA A 50 -5.31 -5.26 7.85
N GLY A 51 -6.59 -4.93 7.77
CA GLY A 51 -7.14 -3.88 8.60
C GLY A 51 -7.19 -2.54 7.89
N ILE A 52 -6.06 -2.16 7.29
CA ILE A 52 -5.98 -0.89 6.57
C ILE A 52 -7.27 -0.62 5.80
N SER A 53 -7.90 0.51 6.10
CA SER A 53 -9.14 0.89 5.43
C SER A 53 -8.93 1.02 3.92
N GLU A 54 -7.84 1.66 3.53
CA GLU A 54 -7.53 1.85 2.13
C GLU A 54 -7.73 0.55 1.34
N LEU A 55 -7.27 -0.55 1.92
CA LEU A 55 -7.40 -1.85 1.27
C LEU A 55 -8.80 -2.42 1.47
N ASN A 56 -9.20 -2.58 2.74
CA ASN A 56 -10.52 -3.11 3.06
C ASN A 56 -11.57 -2.59 2.08
N GLN A 57 -11.73 -1.27 2.04
CA GLN A 57 -12.70 -0.65 1.14
C GLN A 57 -12.04 0.44 0.29
N PRO A 58 -11.57 0.04 -0.91
CA PRO A 58 -10.92 0.96 -1.84
C PRO A 58 -11.89 1.98 -2.43
N ALA A 59 -11.56 3.26 -2.30
CA ALA A 59 -12.40 4.33 -2.82
C ALA A 59 -13.09 3.91 -4.12
ZN ZN B . 6.54 6.75 -4.82
N GLY A 1 -12.02 -5.19 25.07
CA GLY A 1 -11.54 -6.30 24.27
C GLY A 1 -10.60 -5.85 23.16
N SER A 2 -9.81 -6.79 22.64
CA SER A 2 -8.87 -6.49 21.58
C SER A 2 -8.42 -7.76 20.87
N SER A 3 -8.07 -7.63 19.59
CA SER A 3 -7.62 -8.78 18.81
C SER A 3 -6.10 -8.79 18.69
N GLY A 4 -5.52 -7.63 18.38
CA GLY A 4 -4.08 -7.53 18.24
C GLY A 4 -3.65 -7.49 16.79
N SER A 5 -4.26 -6.61 16.01
CA SER A 5 -3.94 -6.48 14.60
C SER A 5 -3.20 -5.17 14.33
N SER A 6 -2.06 -5.25 13.65
CA SER A 6 -1.27 -4.08 13.33
C SER A 6 -1.41 -3.70 11.86
N GLY A 7 -1.65 -2.42 11.61
CA GLY A 7 -1.81 -1.95 10.24
C GLY A 7 -1.11 -0.63 9.99
N GLU A 8 0.02 -0.69 9.29
CA GLU A 8 0.79 0.51 8.99
C GLU A 8 0.59 0.94 7.54
N PRO A 9 0.81 2.24 7.27
CA PRO A 9 0.66 2.80 5.93
C PRO A 9 1.73 2.31 4.97
N VAL A 10 1.31 1.82 3.81
CA VAL A 10 2.23 1.31 2.80
C VAL A 10 3.06 2.44 2.21
N LEU A 11 4.21 2.72 2.83
CA LEU A 11 5.10 3.78 2.36
C LEU A 11 5.79 3.37 1.08
N CYS A 12 6.05 4.34 0.21
CA CYS A 12 6.72 4.09 -1.05
C CYS A 12 8.18 3.72 -0.84
N SER A 13 8.59 2.59 -1.43
CA SER A 13 9.96 2.13 -1.29
C SER A 13 10.94 3.29 -1.32
N ARG A 14 10.81 4.16 -2.32
CA ARG A 14 11.68 5.31 -2.47
C ARG A 14 11.87 6.02 -1.13
N THR A 15 13.02 6.66 -0.96
CA THR A 15 13.33 7.37 0.28
C THR A 15 12.89 8.82 0.20
N THR A 16 12.96 9.39 -1.00
CA THR A 16 12.57 10.79 -1.21
C THR A 16 11.07 10.90 -1.48
N CYS A 17 10.51 9.88 -2.11
CA CYS A 17 9.08 9.86 -2.42
C CYS A 17 8.24 9.86 -1.15
N ARG A 18 8.35 8.78 -0.39
CA ARG A 18 7.61 8.64 0.86
C ARG A 18 6.10 8.67 0.60
N ALA A 19 5.70 8.18 -0.58
CA ALA A 19 4.29 8.15 -0.95
C ALA A 19 3.55 7.04 -0.20
N VAL A 20 2.24 7.20 -0.06
CA VAL A 20 1.41 6.22 0.63
C VAL A 20 0.25 5.77 -0.25
N LEU A 21 -0.23 4.56 0.01
CA LEU A 21 -1.35 4.01 -0.76
C LEU A 21 -2.52 5.01 -0.82
N ASN A 22 -2.88 5.41 -2.04
CA ASN A 22 -3.97 6.36 -2.24
C ASN A 22 -4.85 5.91 -3.40
N PRO A 23 -6.10 6.41 -3.41
CA PRO A 23 -7.07 6.09 -4.45
C PRO A 23 -6.72 6.72 -5.79
N LEU A 24 -5.59 7.40 -5.83
CA LEU A 24 -5.12 8.05 -7.05
C LEU A 24 -4.15 7.16 -7.81
N CYS A 25 -3.31 6.45 -7.07
CA CYS A 25 -2.33 5.55 -7.67
C CYS A 25 -3.02 4.42 -8.43
N GLN A 26 -2.26 3.74 -9.29
CA GLN A 26 -2.80 2.63 -10.07
C GLN A 26 -2.30 1.30 -9.53
N VAL A 27 -3.09 0.69 -8.65
CA VAL A 27 -2.72 -0.60 -8.06
C VAL A 27 -3.58 -1.72 -8.62
N ASP A 28 -2.95 -2.85 -8.92
CA ASP A 28 -3.67 -4.01 -9.46
C ASP A 28 -3.79 -5.11 -8.41
N TYR A 29 -4.67 -4.89 -7.43
CA TYR A 29 -4.88 -5.86 -6.37
C TYR A 29 -4.73 -7.29 -6.89
N ARG A 30 -5.32 -7.55 -8.05
CA ARG A 30 -5.26 -8.87 -8.66
C ARG A 30 -3.82 -9.31 -8.85
N ALA A 31 -3.02 -8.45 -9.49
CA ALA A 31 -1.61 -8.75 -9.74
C ALA A 31 -0.77 -8.49 -8.49
N LYS A 32 -1.39 -7.90 -7.48
CA LYS A 32 -0.70 -7.61 -6.23
C LYS A 32 0.47 -6.67 -6.47
N LEU A 33 0.22 -5.57 -7.17
CA LEU A 33 1.26 -4.59 -7.47
C LEU A 33 0.70 -3.18 -7.47
N TRP A 34 1.30 -2.30 -6.68
CA TRP A 34 0.85 -0.92 -6.60
C TRP A 34 1.87 0.02 -7.23
N ALA A 35 1.41 0.82 -8.19
CA ALA A 35 2.27 1.77 -8.88
C ALA A 35 2.10 3.18 -8.33
N CYS A 36 3.20 3.83 -8.00
CA CYS A 36 3.17 5.18 -7.47
C CYS A 36 2.69 6.17 -8.53
N ASN A 37 2.01 7.22 -8.09
CA ASN A 37 1.50 8.24 -9.00
C ASN A 37 2.50 9.38 -9.16
N PHE A 38 3.52 9.38 -8.31
CA PHE A 38 4.55 10.42 -8.36
C PHE A 38 5.82 9.89 -9.01
N CYS A 39 6.57 9.07 -8.27
CA CYS A 39 7.81 8.50 -8.77
C CYS A 39 7.52 7.47 -9.87
N TYR A 40 6.32 6.91 -9.86
CA TYR A 40 5.92 5.93 -10.85
C TYR A 40 6.82 4.69 -10.76
N GLN A 41 6.96 4.14 -9.56
CA GLN A 41 7.78 2.96 -9.35
C GLN A 41 6.93 1.77 -8.93
N ARG A 42 7.02 0.68 -9.69
CA ARG A 42 6.26 -0.53 -9.41
C ARG A 42 6.81 -1.23 -8.17
N ASN A 43 5.96 -1.42 -7.17
CA ASN A 43 6.36 -2.08 -5.93
C ASN A 43 5.38 -3.20 -5.57
N GLN A 44 5.86 -4.15 -4.78
CA GLN A 44 5.03 -5.28 -4.36
C GLN A 44 4.41 -5.03 -2.98
N PHE A 45 3.24 -5.59 -2.75
CA PHE A 45 2.54 -5.43 -1.48
C PHE A 45 3.40 -5.95 -0.32
N PRO A 46 3.20 -5.37 0.88
CA PRO A 46 3.93 -5.76 2.08
C PRO A 46 3.54 -7.15 2.58
N PRO A 47 4.47 -7.82 3.26
CA PRO A 47 4.25 -9.16 3.81
C PRO A 47 3.27 -9.15 4.97
N SER A 48 2.84 -7.97 5.38
CA SER A 48 1.90 -7.82 6.48
C SER A 48 0.53 -7.41 5.97
N TYR A 49 0.45 -6.23 5.38
CA TYR A 49 -0.81 -5.72 4.85
C TYR A 49 -1.98 -6.11 5.74
N ALA A 50 -1.73 -6.15 7.05
CA ALA A 50 -2.77 -6.51 8.02
C ALA A 50 -3.43 -5.26 8.59
N GLY A 51 -4.73 -5.36 8.85
CA GLY A 51 -5.47 -4.24 9.41
C GLY A 51 -5.96 -3.29 8.34
N ILE A 52 -5.05 -2.86 7.47
CA ILE A 52 -5.40 -1.94 6.40
C ILE A 52 -6.81 -2.19 5.88
N SER A 53 -7.74 -1.34 6.27
CA SER A 53 -9.13 -1.48 5.85
C SER A 53 -9.25 -1.43 4.33
N GLU A 54 -8.58 -0.46 3.73
CA GLU A 54 -8.60 -0.30 2.27
C GLU A 54 -8.42 -1.65 1.59
N LEU A 55 -7.50 -2.46 2.11
CA LEU A 55 -7.22 -3.77 1.53
C LEU A 55 -8.17 -4.82 2.11
N ASN A 56 -8.67 -5.69 1.23
CA ASN A 56 -9.59 -6.74 1.65
C ASN A 56 -9.32 -8.03 0.88
N GLN A 57 -9.61 -9.16 1.51
CA GLN A 57 -9.40 -10.47 0.89
C GLN A 57 -10.60 -10.86 0.03
N PRO A 58 -10.33 -11.53 -1.11
CA PRO A 58 -11.37 -11.97 -2.03
C PRO A 58 -12.22 -13.10 -1.45
N ALA A 59 -13.51 -12.83 -1.27
CA ALA A 59 -14.43 -13.83 -0.73
C ALA A 59 -15.20 -14.54 -1.84
ZN ZN B . 6.72 6.78 -5.03
N GLY A 1 2.45 -5.87 15.44
CA GLY A 1 3.67 -6.30 16.09
C GLY A 1 3.55 -6.32 17.61
N SER A 2 3.79 -5.17 18.23
CA SER A 2 3.71 -5.05 19.67
C SER A 2 2.29 -4.75 20.12
N SER A 3 1.32 -5.43 19.51
CA SER A 3 -0.08 -5.24 19.84
C SER A 3 -0.38 -3.77 20.11
N GLY A 4 0.20 -2.89 19.30
CA GLY A 4 -0.02 -1.46 19.48
C GLY A 4 -0.35 -0.76 18.18
N SER A 5 0.54 -0.87 17.20
CA SER A 5 0.33 -0.24 15.90
C SER A 5 -1.00 -0.68 15.30
N SER A 6 -1.93 0.27 15.19
CA SER A 6 -3.24 -0.02 14.62
C SER A 6 -3.15 -0.28 13.13
N GLY A 7 -2.68 0.72 12.38
CA GLY A 7 -2.54 0.58 10.95
C GLY A 7 -1.48 1.48 10.37
N GLU A 8 -0.28 0.93 10.19
CA GLU A 8 0.83 1.70 9.64
C GLU A 8 0.66 1.93 8.15
N PRO A 9 0.89 3.17 7.70
CA PRO A 9 0.76 3.54 6.29
C PRO A 9 1.86 2.94 5.43
N VAL A 10 1.48 2.46 4.25
CA VAL A 10 2.44 1.86 3.33
C VAL A 10 3.25 2.91 2.60
N LEU A 11 4.43 3.22 3.15
CA LEU A 11 5.31 4.23 2.55
C LEU A 11 5.94 3.70 1.27
N CYS A 12 6.14 4.58 0.30
CA CYS A 12 6.74 4.21 -0.97
C CYS A 12 8.18 3.72 -0.77
N SER A 13 8.62 2.81 -1.63
CA SER A 13 9.96 2.26 -1.55
C SER A 13 11.01 3.38 -1.55
N ARG A 14 10.94 4.24 -2.55
CA ARG A 14 11.88 5.35 -2.65
C ARG A 14 11.85 6.22 -1.39
N THR A 15 12.98 6.27 -0.70
CA THR A 15 13.09 7.06 0.52
C THR A 15 12.82 8.54 0.26
N THR A 16 13.08 8.96 -0.98
CA THR A 16 12.87 10.35 -1.38
C THR A 16 11.41 10.62 -1.69
N CYS A 17 10.75 9.64 -2.30
CA CYS A 17 9.34 9.77 -2.66
C CYS A 17 8.47 9.92 -1.41
N ARG A 18 8.34 8.82 -0.66
CA ARG A 18 7.55 8.82 0.55
C ARG A 18 6.07 9.05 0.23
N ALA A 19 5.55 8.28 -0.72
CA ALA A 19 4.15 8.39 -1.12
C ALA A 19 3.30 7.32 -0.45
N VAL A 20 2.45 7.74 0.48
CA VAL A 20 1.57 6.81 1.19
C VAL A 20 0.50 6.26 0.26
N LEU A 21 0.13 4.99 0.49
CA LEU A 21 -0.89 4.34 -0.31
C LEU A 21 -2.13 5.21 -0.45
N ASN A 22 -2.49 5.54 -1.69
CA ASN A 22 -3.66 6.37 -1.96
C ASN A 22 -4.55 5.74 -3.02
N PRO A 23 -5.84 6.11 -3.01
CA PRO A 23 -6.82 5.59 -3.95
C PRO A 23 -6.59 6.08 -5.38
N LEU A 24 -5.53 6.87 -5.55
CA LEU A 24 -5.18 7.42 -6.86
C LEU A 24 -4.17 6.54 -7.57
N CYS A 25 -3.24 5.98 -6.80
CA CYS A 25 -2.21 5.11 -7.35
C CYS A 25 -2.82 4.00 -8.19
N GLN A 26 -2.08 3.54 -9.20
CA GLN A 26 -2.56 2.48 -10.08
C GLN A 26 -2.13 1.12 -9.56
N VAL A 27 -3.02 0.46 -8.82
CA VAL A 27 -2.73 -0.86 -8.28
C VAL A 27 -3.56 -1.94 -8.96
N ASP A 28 -2.92 -3.05 -9.28
CA ASP A 28 -3.60 -4.16 -9.94
C ASP A 28 -3.76 -5.34 -8.99
N TYR A 29 -4.74 -5.24 -8.09
CA TYR A 29 -4.99 -6.31 -7.13
C TYR A 29 -4.70 -7.68 -7.73
N ARG A 30 -5.30 -7.95 -8.89
CA ARG A 30 -5.11 -9.22 -9.57
C ARG A 30 -3.63 -9.60 -9.60
N ALA A 31 -2.79 -8.65 -10.02
CA ALA A 31 -1.35 -8.88 -10.10
C ALA A 31 -0.67 -8.57 -8.77
N LYS A 32 -1.42 -7.95 -7.86
CA LYS A 32 -0.88 -7.60 -6.56
C LYS A 32 0.30 -6.65 -6.69
N LEU A 33 0.09 -5.55 -7.41
CA LEU A 33 1.13 -4.55 -7.62
C LEU A 33 0.58 -3.14 -7.56
N TRP A 34 1.13 -2.32 -6.68
CA TRP A 34 0.68 -0.94 -6.53
C TRP A 34 1.73 0.03 -7.06
N ALA A 35 1.40 0.70 -8.17
CA ALA A 35 2.31 1.66 -8.77
C ALA A 35 2.11 3.06 -8.19
N CYS A 36 3.21 3.76 -7.97
CA CYS A 36 3.16 5.11 -7.41
C CYS A 36 2.62 6.11 -8.44
N ASN A 37 2.01 7.18 -7.96
CA ASN A 37 1.45 8.20 -8.84
C ASN A 37 2.47 9.30 -9.10
N PHE A 38 3.43 9.45 -8.19
CA PHE A 38 4.47 10.46 -8.32
C PHE A 38 5.73 9.87 -8.95
N CYS A 39 6.48 9.11 -8.15
CA CYS A 39 7.71 8.49 -8.62
C CYS A 39 7.42 7.47 -9.71
N TYR A 40 6.19 6.99 -9.76
CA TYR A 40 5.78 6.00 -10.75
C TYR A 40 6.65 4.75 -10.67
N GLN A 41 6.86 4.26 -9.45
CA GLN A 41 7.66 3.07 -9.22
C GLN A 41 6.79 1.87 -8.88
N ARG A 42 6.99 0.76 -9.59
CA ARG A 42 6.21 -0.45 -9.35
C ARG A 42 6.66 -1.13 -8.06
N ASN A 43 5.71 -1.35 -7.16
CA ASN A 43 6.00 -1.99 -5.88
C ASN A 43 5.02 -3.11 -5.60
N GLN A 44 5.41 -4.05 -4.75
CA GLN A 44 4.56 -5.18 -4.41
C GLN A 44 3.95 -4.99 -3.02
N PHE A 45 2.81 -5.64 -2.79
CA PHE A 45 2.13 -5.54 -1.50
C PHE A 45 3.02 -6.03 -0.37
N PRO A 46 2.93 -5.36 0.80
CA PRO A 46 3.72 -5.72 1.97
C PRO A 46 3.29 -7.04 2.58
N PRO A 47 4.22 -7.71 3.28
CA PRO A 47 3.95 -9.00 3.93
C PRO A 47 3.03 -8.85 5.14
N SER A 48 2.96 -7.65 5.68
CA SER A 48 2.11 -7.38 6.83
C SER A 48 0.96 -6.44 6.46
N TYR A 49 0.29 -6.76 5.37
CA TYR A 49 -0.83 -5.95 4.90
C TYR A 49 -2.14 -6.40 5.55
N ALA A 50 -2.40 -7.70 5.51
CA ALA A 50 -3.61 -8.26 6.09
C ALA A 50 -3.98 -7.55 7.38
N GLY A 51 -5.07 -6.78 7.34
CA GLY A 51 -5.51 -6.06 8.51
C GLY A 51 -5.85 -4.60 8.20
N ILE A 52 -5.00 -3.96 7.42
CA ILE A 52 -5.20 -2.57 7.05
C ILE A 52 -6.62 -2.34 6.52
N SER A 53 -7.25 -1.27 6.95
CA SER A 53 -8.61 -0.94 6.53
C SER A 53 -8.70 -0.94 5.00
N GLU A 54 -7.86 -0.12 4.37
CA GLU A 54 -7.86 -0.02 2.91
C GLU A 54 -7.52 -1.37 2.27
N LEU A 55 -6.40 -1.95 2.70
CA LEU A 55 -5.97 -3.24 2.16
C LEU A 55 -6.56 -4.39 2.97
N ASN A 56 -7.78 -4.77 2.63
CA ASN A 56 -8.45 -5.87 3.33
C ASN A 56 -9.34 -6.65 2.37
N GLN A 57 -9.93 -7.74 2.87
CA GLN A 57 -10.81 -8.58 2.06
C GLN A 57 -11.92 -9.17 2.90
N PRO A 58 -13.11 -9.30 2.30
CA PRO A 58 -14.28 -9.87 2.98
C PRO A 58 -14.14 -11.36 3.24
N ALA A 59 -14.10 -11.73 4.52
CA ALA A 59 -13.97 -13.13 4.91
C ALA A 59 -15.26 -13.65 5.54
ZN ZN B . 6.73 6.70 -5.02
N GLY A 1 5.02 -3.92 27.34
CA GLY A 1 3.92 -3.48 26.50
C GLY A 1 3.44 -4.55 25.54
N SER A 2 2.13 -4.69 25.42
CA SER A 2 1.55 -5.70 24.53
C SER A 2 0.71 -5.03 23.44
N SER A 3 0.88 -5.50 22.21
CA SER A 3 0.13 -4.96 21.07
C SER A 3 -0.09 -6.03 20.01
N GLY A 4 -1.28 -6.02 19.40
CA GLY A 4 -1.60 -6.98 18.38
C GLY A 4 -1.36 -6.45 16.98
N SER A 5 -2.39 -6.48 16.15
CA SER A 5 -2.29 -6.00 14.78
C SER A 5 -2.23 -4.49 14.73
N SER A 6 -1.03 -3.94 14.95
CA SER A 6 -0.84 -2.49 14.95
C SER A 6 -1.44 -1.87 13.69
N GLY A 7 -0.92 -2.26 12.53
CA GLY A 7 -1.41 -1.73 11.28
C GLY A 7 -0.52 -0.63 10.72
N GLU A 8 0.58 -1.03 10.11
CA GLU A 8 1.51 -0.07 9.53
C GLU A 8 1.04 0.40 8.16
N PRO A 9 1.21 1.70 7.88
CA PRO A 9 0.80 2.30 6.61
C PRO A 9 1.69 1.85 5.45
N VAL A 10 1.12 1.84 4.25
CA VAL A 10 1.85 1.42 3.06
C VAL A 10 2.75 2.55 2.55
N LEU A 11 4.03 2.49 2.90
CA LEU A 11 4.99 3.50 2.49
C LEU A 11 5.64 3.11 1.16
N CYS A 12 5.86 4.10 0.30
CA CYS A 12 6.47 3.87 -1.00
C CYS A 12 7.94 3.50 -0.85
N SER A 13 8.38 2.51 -1.62
CA SER A 13 9.77 2.07 -1.57
C SER A 13 10.73 3.24 -1.67
N ARG A 14 10.64 3.98 -2.78
CA ARG A 14 11.50 5.13 -3.00
C ARG A 14 11.60 5.99 -1.74
N THR A 15 12.82 6.19 -1.27
CA THR A 15 13.05 6.99 -0.06
C THR A 15 12.59 8.43 -0.27
N THR A 16 12.96 9.00 -1.41
CA THR A 16 12.57 10.37 -1.73
C THR A 16 11.06 10.52 -1.83
N CYS A 17 10.40 9.49 -2.33
CA CYS A 17 8.95 9.50 -2.48
C CYS A 17 8.26 9.24 -1.13
N ARG A 18 8.44 8.02 -0.62
CA ARG A 18 7.84 7.64 0.65
C ARG A 18 6.44 8.22 0.79
N ALA A 19 5.67 8.17 -0.30
CA ALA A 19 4.32 8.69 -0.30
C ALA A 19 3.32 7.61 0.14
N VAL A 20 2.44 7.98 1.07
CA VAL A 20 1.44 7.04 1.57
C VAL A 20 0.46 6.65 0.49
N LEU A 21 0.15 5.37 0.40
CA LEU A 21 -0.78 4.85 -0.60
C LEU A 21 -2.00 5.76 -0.71
N ASN A 22 -2.38 6.10 -1.93
CA ASN A 22 -3.52 6.96 -2.18
C ASN A 22 -4.45 6.35 -3.23
N PRO A 23 -5.72 6.78 -3.23
CA PRO A 23 -6.72 6.28 -4.17
C PRO A 23 -6.47 6.75 -5.60
N LEU A 24 -5.36 7.47 -5.79
CA LEU A 24 -4.99 7.98 -7.10
C LEU A 24 -4.02 7.02 -7.80
N CYS A 25 -3.14 6.41 -7.02
CA CYS A 25 -2.16 5.47 -7.57
C CYS A 25 -2.85 4.36 -8.34
N GLN A 26 -2.08 3.64 -9.15
CA GLN A 26 -2.62 2.54 -9.94
C GLN A 26 -2.38 1.20 -9.24
N VAL A 27 -3.46 0.64 -8.69
CA VAL A 27 -3.36 -0.64 -8.00
C VAL A 27 -3.64 -1.81 -8.94
N ASP A 28 -2.94 -2.90 -8.74
CA ASP A 28 -3.10 -4.09 -9.58
C ASP A 28 -3.36 -5.33 -8.72
N TYR A 29 -4.39 -5.27 -7.88
CA TYR A 29 -4.73 -6.38 -7.01
C TYR A 29 -4.45 -7.71 -7.69
N ARG A 30 -4.79 -7.80 -8.97
CA ARG A 30 -4.57 -9.02 -9.73
C ARG A 30 -3.14 -9.51 -9.58
N ALA A 31 -2.18 -8.62 -9.84
CA ALA A 31 -0.77 -8.97 -9.73
C ALA A 31 -0.17 -8.42 -8.43
N LYS A 32 -1.02 -8.26 -7.43
CA LYS A 32 -0.57 -7.75 -6.13
C LYS A 32 0.53 -6.71 -6.31
N LEU A 33 0.36 -5.82 -7.29
CA LEU A 33 1.35 -4.79 -7.57
C LEU A 33 0.68 -3.42 -7.69
N TRP A 34 1.17 -2.46 -6.92
CA TRP A 34 0.62 -1.11 -6.95
C TRP A 34 1.67 -0.10 -7.38
N ALA A 35 1.42 0.59 -8.49
CA ALA A 35 2.35 1.58 -9.00
C ALA A 35 2.06 2.96 -8.41
N CYS A 36 3.12 3.67 -8.06
CA CYS A 36 2.98 5.01 -7.49
C CYS A 36 2.48 6.01 -8.53
N ASN A 37 1.83 7.07 -8.07
CA ASN A 37 1.30 8.10 -8.96
C ASN A 37 2.31 9.22 -9.14
N PHE A 38 3.20 9.38 -8.17
CA PHE A 38 4.22 10.41 -8.23
C PHE A 38 5.52 9.88 -8.84
N CYS A 39 6.25 9.10 -8.06
CA CYS A 39 7.51 8.52 -8.52
C CYS A 39 7.27 7.55 -9.68
N TYR A 40 6.08 6.98 -9.73
CA TYR A 40 5.72 6.04 -10.78
C TYR A 40 6.63 4.82 -10.76
N GLN A 41 6.72 4.20 -9.59
CA GLN A 41 7.55 3.01 -9.43
C GLN A 41 6.73 1.81 -8.95
N ARG A 42 6.74 0.74 -9.74
CA ARG A 42 5.99 -0.46 -9.40
C ARG A 42 6.59 -1.14 -8.17
N ASN A 43 5.78 -1.26 -7.12
CA ASN A 43 6.22 -1.89 -5.89
C ASN A 43 5.25 -2.98 -5.46
N GLN A 44 5.78 -4.01 -4.79
CA GLN A 44 4.96 -5.13 -4.33
C GLN A 44 4.34 -4.82 -2.97
N PHE A 45 3.11 -5.30 -2.76
CA PHE A 45 2.41 -5.07 -1.50
C PHE A 45 3.25 -5.52 -0.32
N PRO A 46 3.12 -4.80 0.81
CA PRO A 46 3.85 -5.11 2.04
C PRO A 46 3.38 -6.40 2.69
N PRO A 47 4.24 -6.99 3.53
CA PRO A 47 3.93 -8.24 4.24
C PRO A 47 2.86 -8.05 5.31
N SER A 48 2.87 -6.88 5.95
CA SER A 48 1.89 -6.58 6.99
C SER A 48 0.70 -5.83 6.42
N TYR A 49 0.23 -6.27 5.26
CA TYR A 49 -0.91 -5.64 4.61
C TYR A 49 -2.22 -6.33 5.00
N ALA A 50 -2.32 -6.69 6.28
CA ALA A 50 -3.52 -7.35 6.78
C ALA A 50 -4.53 -6.33 7.30
N GLY A 51 -4.07 -5.44 8.18
CA GLY A 51 -4.96 -4.42 8.72
C GLY A 51 -4.76 -3.07 8.08
N ILE A 52 -4.72 -3.05 6.75
CA ILE A 52 -4.54 -1.82 6.00
C ILE A 52 -5.86 -1.08 5.84
N SER A 53 -5.82 0.23 6.03
CA SER A 53 -7.01 1.07 5.91
C SER A 53 -7.30 1.40 4.45
N GLU A 54 -6.28 1.90 3.75
CA GLU A 54 -6.41 2.26 2.34
C GLU A 54 -6.91 1.07 1.53
N LEU A 55 -6.36 -0.10 1.79
CA LEU A 55 -6.73 -1.31 1.08
C LEU A 55 -7.95 -1.97 1.73
N ASN A 56 -8.81 -2.56 0.91
CA ASN A 56 -10.00 -3.23 1.41
C ASN A 56 -9.75 -4.71 1.64
N GLN A 57 -9.95 -5.15 2.88
CA GLN A 57 -9.75 -6.55 3.23
C GLN A 57 -10.90 -7.42 2.73
N PRO A 58 -10.57 -8.39 1.87
CA PRO A 58 -11.57 -9.31 1.30
C PRO A 58 -12.12 -10.28 2.34
N ALA A 59 -13.33 -10.78 2.09
CA ALA A 59 -13.97 -11.72 3.00
C ALA A 59 -14.52 -12.92 2.24
ZN ZN B . 6.42 6.61 -4.89
N GLY A 1 -5.43 -14.51 15.63
CA GLY A 1 -5.25 -15.50 16.68
C GLY A 1 -3.95 -15.29 17.45
N SER A 2 -2.86 -15.06 16.73
CA SER A 2 -1.56 -14.86 17.35
C SER A 2 -1.20 -13.38 17.37
N SER A 3 -1.37 -12.71 16.22
CA SER A 3 -1.06 -11.30 16.11
C SER A 3 -2.27 -10.44 16.42
N GLY A 4 -2.05 -9.33 17.13
CA GLY A 4 -3.14 -8.45 17.48
C GLY A 4 -3.75 -7.76 16.27
N SER A 5 -3.57 -6.44 16.19
CA SER A 5 -4.10 -5.67 15.08
C SER A 5 -3.40 -4.32 14.97
N SER A 6 -2.93 -4.00 13.77
CA SER A 6 -2.24 -2.73 13.53
C SER A 6 -2.50 -2.23 12.11
N GLY A 7 -2.91 -0.97 12.00
CA GLY A 7 -3.18 -0.38 10.70
C GLY A 7 -2.26 0.77 10.38
N GLU A 8 -1.32 0.55 9.48
CA GLU A 8 -0.38 1.59 9.08
C GLU A 8 -0.39 1.80 7.57
N PRO A 9 -0.10 3.03 7.14
CA PRO A 9 -0.07 3.39 5.72
C PRO A 9 1.10 2.76 4.98
N VAL A 10 0.91 2.50 3.69
CA VAL A 10 1.96 1.90 2.88
C VAL A 10 2.93 2.94 2.36
N LEU A 11 4.10 3.03 3.00
CA LEU A 11 5.12 3.99 2.61
C LEU A 11 5.84 3.53 1.34
N CYS A 12 5.60 4.23 0.24
CA CYS A 12 6.23 3.90 -1.03
C CYS A 12 7.65 3.38 -0.82
N SER A 13 8.11 2.54 -1.73
CA SER A 13 9.44 1.96 -1.64
C SER A 13 10.51 3.04 -1.74
N ARG A 14 10.42 3.85 -2.81
CA ARG A 14 11.38 4.93 -3.03
C ARG A 14 11.49 5.82 -1.79
N THR A 15 12.62 5.76 -1.11
CA THR A 15 12.85 6.56 0.08
C THR A 15 12.51 8.02 -0.17
N THR A 16 12.97 8.55 -1.30
CA THR A 16 12.71 9.94 -1.65
C THR A 16 11.22 10.21 -1.78
N CYS A 17 10.49 9.23 -2.29
CA CYS A 17 9.04 9.36 -2.46
C CYS A 17 8.32 9.17 -1.14
N ARG A 18 8.39 7.95 -0.60
CA ARG A 18 7.74 7.64 0.67
C ARG A 18 6.39 8.35 0.77
N ALA A 19 5.63 8.34 -0.32
CA ALA A 19 4.32 8.98 -0.35
C ALA A 19 3.23 8.00 0.06
N VAL A 20 2.78 8.11 1.30
CA VAL A 20 1.73 7.22 1.80
C VAL A 20 0.74 6.87 0.70
N LEU A 21 0.63 5.58 0.41
CA LEU A 21 -0.28 5.11 -0.62
C LEU A 21 -1.55 5.96 -0.66
N ASN A 22 -2.03 6.24 -1.87
CA ASN A 22 -3.23 7.04 -2.05
C ASN A 22 -4.21 6.35 -2.98
N PRO A 23 -5.49 6.77 -2.92
CA PRO A 23 -6.55 6.21 -3.76
C PRO A 23 -6.39 6.58 -5.22
N LEU A 24 -5.34 7.33 -5.53
CA LEU A 24 -5.08 7.75 -6.91
C LEU A 24 -4.15 6.77 -7.62
N CYS A 25 -3.18 6.24 -6.88
CA CYS A 25 -2.24 5.28 -7.44
C CYS A 25 -2.97 4.16 -8.17
N GLN A 26 -2.24 3.41 -8.98
CA GLN A 26 -2.82 2.30 -9.74
C GLN A 26 -2.59 0.97 -9.02
N VAL A 27 -3.62 0.49 -8.33
CA VAL A 27 -3.53 -0.77 -7.60
C VAL A 27 -3.88 -1.94 -8.50
N ASP A 28 -2.88 -2.76 -8.82
CA ASP A 28 -3.09 -3.92 -9.66
C ASP A 28 -3.32 -5.18 -8.83
N TYR A 29 -4.32 -5.13 -7.96
CA TYR A 29 -4.64 -6.25 -7.10
C TYR A 29 -4.39 -7.58 -7.80
N ARG A 30 -4.76 -7.64 -9.08
CA ARG A 30 -4.56 -8.85 -9.88
C ARG A 30 -3.10 -9.32 -9.82
N ALA A 31 -2.20 -8.44 -10.23
CA ALA A 31 -0.77 -8.76 -10.23
C ALA A 31 -0.12 -8.32 -8.93
N LYS A 32 -0.91 -8.25 -7.87
CA LYS A 32 -0.41 -7.84 -6.56
C LYS A 32 0.69 -6.79 -6.70
N LEU A 33 0.46 -5.81 -7.58
CA LEU A 33 1.42 -4.75 -7.80
C LEU A 33 0.75 -3.38 -7.76
N TRP A 34 1.30 -2.49 -6.96
CA TRP A 34 0.75 -1.13 -6.82
C TRP A 34 1.73 -0.09 -7.35
N ALA A 35 1.36 0.56 -8.45
CA ALA A 35 2.21 1.58 -9.04
C ALA A 35 1.93 2.95 -8.43
N CYS A 36 3.00 3.66 -8.07
CA CYS A 36 2.88 4.99 -7.47
C CYS A 36 2.35 5.99 -8.49
N ASN A 37 1.64 7.00 -7.99
CA ASN A 37 1.09 8.04 -8.86
C ASN A 37 2.05 9.21 -9.00
N PHE A 38 3.06 9.24 -8.14
CA PHE A 38 4.06 10.30 -8.17
C PHE A 38 5.35 9.82 -8.81
N CYS A 39 6.11 9.02 -8.07
CA CYS A 39 7.38 8.50 -8.57
C CYS A 39 7.14 7.49 -9.70
N TYR A 40 5.94 6.93 -9.73
CA TYR A 40 5.59 5.95 -10.76
C TYR A 40 6.54 4.76 -10.72
N GLN A 41 6.68 4.15 -9.55
CA GLN A 41 7.56 3.00 -9.39
C GLN A 41 6.77 1.76 -8.96
N ARG A 42 6.88 0.69 -9.74
CA ARG A 42 6.17 -0.54 -9.44
C ARG A 42 6.79 -1.25 -8.24
N ASN A 43 6.02 -1.38 -7.17
CA ASN A 43 6.49 -2.03 -5.95
C ASN A 43 5.60 -3.20 -5.58
N GLN A 44 6.03 -3.99 -4.60
CA GLN A 44 5.26 -5.14 -4.15
C GLN A 44 4.65 -4.88 -2.77
N PHE A 45 3.39 -5.29 -2.61
CA PHE A 45 2.69 -5.10 -1.35
C PHE A 45 3.49 -5.68 -0.19
N PRO A 46 3.37 -5.04 0.99
CA PRO A 46 4.07 -5.48 2.19
C PRO A 46 3.54 -6.80 2.74
N PRO A 47 4.29 -7.40 3.67
CA PRO A 47 3.91 -8.68 4.30
C PRO A 47 2.70 -8.54 5.21
N SER A 48 2.73 -7.55 6.09
CA SER A 48 1.63 -7.32 7.03
C SER A 48 0.66 -6.29 6.46
N TYR A 49 -0.30 -6.76 5.67
CA TYR A 49 -1.29 -5.89 5.07
C TYR A 49 -2.70 -6.26 5.53
N ALA A 50 -2.81 -6.63 6.80
CA ALA A 50 -4.10 -7.02 7.37
C ALA A 50 -4.65 -5.91 8.26
N GLY A 51 -4.40 -4.66 7.86
CA GLY A 51 -4.88 -3.53 8.63
C GLY A 51 -5.08 -2.29 7.78
N ILE A 52 -4.18 -2.08 6.83
CA ILE A 52 -4.26 -0.92 5.94
C ILE A 52 -5.71 -0.60 5.59
N SER A 53 -6.19 0.54 6.08
CA SER A 53 -7.57 0.97 5.83
C SER A 53 -7.97 0.68 4.38
N GLU A 54 -7.17 1.16 3.44
CA GLU A 54 -7.44 0.95 2.02
C GLU A 54 -7.31 -0.53 1.66
N LEU A 55 -6.18 -1.12 2.01
CA LEU A 55 -5.91 -2.52 1.72
C LEU A 55 -6.33 -3.40 2.90
N ASN A 56 -7.55 -3.18 3.39
CA ASN A 56 -8.06 -3.96 4.51
C ASN A 56 -9.43 -4.53 4.19
N GLN A 57 -9.50 -5.86 4.06
CA GLN A 57 -10.75 -6.53 3.76
C GLN A 57 -11.06 -7.62 4.78
N PRO A 58 -12.22 -7.51 5.44
CA PRO A 58 -12.65 -8.47 6.46
C PRO A 58 -13.01 -9.82 5.85
N ALA A 59 -12.42 -10.88 6.39
CA ALA A 59 -12.68 -12.23 5.90
C ALA A 59 -12.12 -12.43 4.50
ZN ZN B . 6.35 6.60 -4.95
N GLY A 1 0.06 -12.54 12.37
CA GLY A 1 -1.30 -12.25 11.98
C GLY A 1 -2.26 -12.25 13.16
N SER A 2 -2.03 -11.31 14.09
CA SER A 2 -2.87 -11.21 15.28
C SER A 2 -4.13 -10.40 14.97
N SER A 3 -5.28 -11.08 15.00
CA SER A 3 -6.55 -10.43 14.72
C SER A 3 -6.70 -9.15 15.54
N GLY A 4 -7.50 -8.21 15.03
CA GLY A 4 -7.70 -6.96 15.73
C GLY A 4 -6.40 -6.29 16.11
N SER A 5 -5.80 -5.58 15.17
CA SER A 5 -4.53 -4.89 15.41
C SER A 5 -4.41 -3.66 14.51
N SER A 6 -3.93 -2.56 15.09
CA SER A 6 -3.75 -1.32 14.35
C SER A 6 -2.86 -1.52 13.14
N GLY A 7 -3.15 -0.82 12.06
CA GLY A 7 -2.36 -0.93 10.85
C GLY A 7 -1.28 0.12 10.76
N GLU A 8 -0.34 -0.08 9.84
CA GLU A 8 0.76 0.86 9.65
C GLU A 8 0.72 1.49 8.26
N PRO A 9 1.26 2.71 8.14
CA PRO A 9 1.31 3.44 6.88
C PRO A 9 2.26 2.81 5.87
N VAL A 10 1.75 2.51 4.67
CA VAL A 10 2.55 1.90 3.63
C VAL A 10 3.30 2.96 2.83
N LEU A 11 4.52 3.26 3.25
CA LEU A 11 5.34 4.26 2.58
C LEU A 11 5.94 3.69 1.29
N CYS A 12 5.86 4.47 0.22
CA CYS A 12 6.38 4.05 -1.07
C CYS A 12 7.80 3.50 -0.93
N SER A 13 8.15 2.55 -1.80
CA SER A 13 9.47 1.94 -1.77
C SER A 13 10.57 3.01 -1.80
N ARG A 14 10.48 3.90 -2.78
CA ARG A 14 11.47 4.96 -2.92
C ARG A 14 11.63 5.73 -1.61
N THR A 15 12.87 6.07 -1.28
CA THR A 15 13.17 6.80 -0.05
C THR A 15 12.88 8.28 -0.22
N THR A 16 12.76 8.72 -1.47
CA THR A 16 12.49 10.12 -1.76
C THR A 16 10.99 10.37 -1.92
N CYS A 17 10.29 9.39 -2.46
CA CYS A 17 8.85 9.50 -2.67
C CYS A 17 8.12 9.58 -1.33
N ARG A 18 8.13 8.49 -0.58
CA ARG A 18 7.46 8.44 0.71
C ARG A 18 5.98 8.76 0.57
N ALA A 19 5.35 8.18 -0.44
CA ALA A 19 3.93 8.40 -0.68
C ALA A 19 3.08 7.25 -0.13
N VAL A 20 2.45 7.50 1.02
CA VAL A 20 1.61 6.48 1.66
C VAL A 20 0.47 6.05 0.74
N LEU A 21 0.13 4.78 0.79
CA LEU A 21 -0.94 4.24 -0.04
C LEU A 21 -2.08 5.26 -0.20
N ASN A 22 -2.35 5.65 -1.43
CA ASN A 22 -3.40 6.62 -1.71
C ASN A 22 -4.30 6.13 -2.85
N PRO A 23 -5.54 6.63 -2.88
CA PRO A 23 -6.52 6.27 -3.91
C PRO A 23 -6.15 6.82 -5.28
N LEU A 24 -5.00 7.48 -5.37
CA LEU A 24 -4.53 8.05 -6.62
C LEU A 24 -3.66 7.06 -7.38
N CYS A 25 -2.85 6.30 -6.63
CA CYS A 25 -1.96 5.32 -7.24
C CYS A 25 -2.75 4.29 -8.04
N GLN A 26 -2.06 3.55 -8.90
CA GLN A 26 -2.70 2.54 -9.72
C GLN A 26 -2.47 1.15 -9.15
N VAL A 27 -3.48 0.63 -8.45
CA VAL A 27 -3.40 -0.69 -7.84
C VAL A 27 -3.69 -1.79 -8.86
N ASP A 28 -2.78 -2.76 -8.95
CA ASP A 28 -2.95 -3.86 -9.88
C ASP A 28 -3.28 -5.16 -9.14
N TYR A 29 -4.49 -5.23 -8.60
CA TYR A 29 -4.92 -6.41 -7.86
C TYR A 29 -4.54 -7.68 -8.60
N ARG A 30 -4.53 -7.61 -9.92
CA ARG A 30 -4.17 -8.76 -10.75
C ARG A 30 -2.77 -9.27 -10.42
N ALA A 31 -1.79 -8.37 -10.51
CA ALA A 31 -0.40 -8.71 -10.23
C ALA A 31 -0.03 -8.33 -8.80
N LYS A 32 -1.02 -8.35 -7.90
CA LYS A 32 -0.80 -8.01 -6.51
C LYS A 32 0.25 -6.90 -6.38
N LEU A 33 0.26 -5.99 -7.35
CA LEU A 33 1.21 -4.88 -7.34
C LEU A 33 0.49 -3.55 -7.25
N TRP A 34 1.25 -2.48 -7.08
CA TRP A 34 0.68 -1.14 -6.97
C TRP A 34 1.65 -0.09 -7.48
N ALA A 35 1.38 0.45 -8.66
CA ALA A 35 2.23 1.46 -9.27
C ALA A 35 1.94 2.84 -8.68
N CYS A 36 3.01 3.56 -8.30
CA CYS A 36 2.86 4.88 -7.72
C CYS A 36 2.41 5.89 -8.77
N ASN A 37 1.74 6.95 -8.33
CA ASN A 37 1.25 7.98 -9.24
C ASN A 37 2.27 9.12 -9.37
N PHE A 38 3.10 9.28 -8.35
CA PHE A 38 4.12 10.32 -8.34
C PHE A 38 5.43 9.81 -8.95
N CYS A 39 6.16 9.01 -8.18
CA CYS A 39 7.42 8.46 -8.65
C CYS A 39 7.21 7.52 -9.83
N TYR A 40 6.05 6.88 -9.87
CA TYR A 40 5.71 5.95 -10.94
C TYR A 40 6.59 4.70 -10.88
N GLN A 41 6.69 4.12 -9.69
CA GLN A 41 7.49 2.93 -9.48
C GLN A 41 6.65 1.79 -8.90
N ARG A 42 6.64 0.65 -9.59
CA ARG A 42 5.87 -0.50 -9.14
C ARG A 42 6.50 -1.12 -7.89
N ASN A 43 5.68 -1.37 -6.88
CA ASN A 43 6.16 -1.95 -5.63
C ASN A 43 5.24 -3.09 -5.18
N GLN A 44 5.82 -4.11 -4.57
CA GLN A 44 5.06 -5.26 -4.10
C GLN A 44 4.31 -4.91 -2.81
N PHE A 45 3.15 -5.53 -2.62
CA PHE A 45 2.33 -5.28 -1.44
C PHE A 45 3.11 -5.62 -0.16
N PRO A 46 2.82 -4.88 0.92
CA PRO A 46 3.47 -5.08 2.22
C PRO A 46 3.07 -6.40 2.88
N PRO A 47 3.84 -6.82 3.89
CA PRO A 47 3.58 -8.06 4.63
C PRO A 47 2.33 -7.97 5.49
N SER A 48 2.02 -6.76 5.94
CA SER A 48 0.85 -6.54 6.78
C SER A 48 -0.16 -5.62 6.09
N TYR A 49 -1.08 -6.22 5.34
CA TYR A 49 -2.10 -5.46 4.63
C TYR A 49 -3.50 -5.98 4.94
N ALA A 50 -3.73 -6.30 6.22
CA ALA A 50 -5.02 -6.80 6.66
C ALA A 50 -5.83 -5.72 7.38
N GLY A 51 -6.72 -5.06 6.65
CA GLY A 51 -7.53 -4.01 7.24
C GLY A 51 -7.69 -2.82 6.32
N ILE A 52 -6.61 -2.43 5.65
CA ILE A 52 -6.64 -1.29 4.74
C ILE A 52 -7.85 -1.37 3.81
N SER A 53 -8.75 -0.40 3.94
CA SER A 53 -9.95 -0.35 3.11
C SER A 53 -9.59 -0.27 1.63
N GLU A 54 -8.64 0.61 1.31
CA GLU A 54 -8.22 0.79 -0.07
C GLU A 54 -8.00 -0.56 -0.75
N LEU A 55 -7.37 -1.49 -0.03
CA LEU A 55 -7.11 -2.81 -0.57
C LEU A 55 -8.01 -3.86 0.10
N ASN A 56 -9.12 -4.17 -0.56
CA ASN A 56 -10.05 -5.16 -0.02
C ASN A 56 -9.65 -6.57 -0.43
N GLN A 57 -10.17 -7.56 0.28
CA GLN A 57 -9.86 -8.96 0.00
C GLN A 57 -10.80 -9.51 -1.07
N PRO A 58 -10.23 -9.86 -2.24
CA PRO A 58 -10.99 -10.41 -3.36
C PRO A 58 -11.50 -11.82 -3.08
N ALA A 59 -12.73 -12.10 -3.53
CA ALA A 59 -13.32 -13.41 -3.34
C ALA A 59 -12.73 -14.44 -4.30
ZN ZN B . 6.25 6.54 -5.10
N GLY A 1 -8.83 -11.69 19.18
CA GLY A 1 -8.27 -10.35 19.08
C GLY A 1 -6.91 -10.24 19.73
N SER A 2 -5.91 -10.86 19.11
CA SER A 2 -4.55 -10.84 19.65
C SER A 2 -4.22 -9.46 20.21
N SER A 3 -4.32 -8.44 19.38
CA SER A 3 -4.02 -7.08 19.80
C SER A 3 -5.21 -6.16 19.54
N GLY A 4 -5.81 -6.28 18.35
CA GLY A 4 -6.95 -5.46 18.01
C GLY A 4 -6.88 -4.93 16.59
N SER A 5 -6.76 -3.62 16.45
CA SER A 5 -6.69 -2.99 15.13
C SER A 5 -5.40 -2.18 14.98
N SER A 6 -4.82 -2.22 13.79
CA SER A 6 -3.58 -1.49 13.52
C SER A 6 -3.29 -1.46 12.02
N GLY A 7 -3.38 -0.27 11.43
CA GLY A 7 -3.13 -0.13 10.01
C GLY A 7 -1.99 0.82 9.72
N GLU A 8 -0.94 0.32 9.07
CA GLU A 8 0.21 1.14 8.74
C GLU A 8 0.17 1.58 7.27
N PRO A 9 0.52 2.85 7.03
CA PRO A 9 0.52 3.42 5.68
C PRO A 9 1.64 2.84 4.81
N VAL A 10 1.28 2.38 3.62
CA VAL A 10 2.24 1.80 2.69
C VAL A 10 3.19 2.87 2.15
N LEU A 11 4.30 3.07 2.86
CA LEU A 11 5.28 4.07 2.44
C LEU A 11 6.05 3.59 1.22
N CYS A 12 5.94 4.34 0.13
CA CYS A 12 6.63 4.00 -1.11
C CYS A 12 8.09 3.63 -0.85
N SER A 13 8.52 2.52 -1.44
CA SER A 13 9.90 2.05 -1.26
C SER A 13 10.88 3.22 -1.31
N ARG A 14 10.92 3.90 -2.46
CA ARG A 14 11.82 5.03 -2.64
C ARG A 14 11.85 5.91 -1.40
N THR A 15 13.06 6.21 -0.93
CA THR A 15 13.23 7.03 0.26
C THR A 15 12.78 8.47 -0.01
N THR A 16 13.25 9.04 -1.11
CA THR A 16 12.90 10.40 -1.48
C THR A 16 11.40 10.57 -1.62
N CYS A 17 10.74 9.54 -2.13
CA CYS A 17 9.29 9.57 -2.32
C CYS A 17 8.56 9.36 -0.99
N ARG A 18 8.70 8.15 -0.43
CA ARG A 18 8.06 7.83 0.84
C ARG A 18 6.66 8.43 0.91
N ALA A 19 5.91 8.30 -0.18
CA ALA A 19 4.56 8.83 -0.25
C ALA A 19 3.54 7.76 0.17
N VAL A 20 2.65 8.12 1.09
CA VAL A 20 1.64 7.19 1.57
C VAL A 20 0.72 6.74 0.43
N LEU A 21 0.31 5.48 0.48
CA LEU A 21 -0.56 4.92 -0.56
C LEU A 21 -1.83 5.75 -0.71
N ASN A 22 -2.33 5.84 -1.94
CA ASN A 22 -3.54 6.60 -2.22
C ASN A 22 -4.44 5.85 -3.20
N PRO A 23 -5.74 6.17 -3.16
CA PRO A 23 -6.73 5.53 -4.03
C PRO A 23 -6.57 5.95 -5.49
N LEU A 24 -5.55 6.75 -5.76
CA LEU A 24 -5.29 7.23 -7.12
C LEU A 24 -4.25 6.34 -7.80
N CYS A 25 -3.30 5.85 -7.03
CA CYS A 25 -2.24 4.99 -7.57
C CYS A 25 -2.84 3.86 -8.41
N GLN A 26 -1.98 3.17 -9.15
CA GLN A 26 -2.42 2.06 -9.98
C GLN A 26 -2.13 0.72 -9.32
N VAL A 27 -3.13 0.17 -8.65
CA VAL A 27 -2.98 -1.11 -7.97
C VAL A 27 -3.84 -2.18 -8.62
N ASP A 28 -3.22 -3.31 -8.96
CA ASP A 28 -3.93 -4.41 -9.59
C ASP A 28 -3.99 -5.62 -8.67
N TYR A 29 -4.94 -5.61 -7.73
CA TYR A 29 -5.10 -6.70 -6.79
C TYR A 29 -4.80 -8.04 -7.45
N ARG A 30 -5.06 -8.13 -8.74
CA ARG A 30 -4.82 -9.36 -9.49
C ARG A 30 -3.33 -9.71 -9.47
N ALA A 31 -2.49 -8.74 -9.79
CA ALA A 31 -1.05 -8.95 -9.81
C ALA A 31 -0.39 -8.40 -8.56
N LYS A 32 -1.18 -8.27 -7.49
CA LYS A 32 -0.68 -7.74 -6.23
C LYS A 32 0.39 -6.69 -6.45
N LEU A 33 0.12 -5.77 -7.38
CA LEU A 33 1.07 -4.69 -7.69
C LEU A 33 0.42 -3.33 -7.50
N TRP A 34 1.25 -2.31 -7.29
CA TRP A 34 0.76 -0.96 -7.09
C TRP A 34 1.81 0.07 -7.51
N ALA A 35 1.51 0.81 -8.56
CA ALA A 35 2.43 1.83 -9.07
C ALA A 35 2.19 3.18 -8.39
N CYS A 36 3.27 3.89 -8.08
CA CYS A 36 3.17 5.19 -7.44
C CYS A 36 2.58 6.23 -8.39
N ASN A 37 1.90 7.21 -7.82
CA ASN A 37 1.29 8.27 -8.62
C ASN A 37 2.24 9.46 -8.79
N PHE A 38 3.27 9.49 -7.94
CA PHE A 38 4.25 10.57 -7.98
C PHE A 38 5.54 10.10 -8.66
N CYS A 39 6.33 9.31 -7.94
CA CYS A 39 7.59 8.80 -8.48
C CYS A 39 7.33 7.82 -9.62
N TYR A 40 6.12 7.30 -9.68
CA TYR A 40 5.75 6.35 -10.72
C TYR A 40 6.62 5.09 -10.66
N GLN A 41 6.72 4.52 -9.47
CA GLN A 41 7.52 3.32 -9.26
C GLN A 41 6.63 2.13 -8.93
N ARG A 42 6.77 1.06 -9.71
CA ARG A 42 5.98 -0.15 -9.50
C ARG A 42 6.52 -0.96 -8.31
N ASN A 43 5.68 -1.13 -7.29
CA ASN A 43 6.07 -1.87 -6.10
C ASN A 43 5.13 -3.04 -5.86
N GLN A 44 5.44 -3.85 -4.86
CA GLN A 44 4.62 -5.02 -4.53
C GLN A 44 3.97 -4.85 -3.15
N PHE A 45 2.81 -5.45 -2.98
CA PHE A 45 2.09 -5.37 -1.70
C PHE A 45 2.98 -5.79 -0.54
N PRO A 46 2.82 -5.12 0.60
CA PRO A 46 3.60 -5.40 1.81
C PRO A 46 3.24 -6.75 2.42
N PRO A 47 4.07 -7.19 3.38
CA PRO A 47 3.85 -8.47 4.08
C PRO A 47 2.64 -8.43 5.01
N SER A 48 2.28 -7.23 5.46
CA SER A 48 1.14 -7.06 6.35
C SER A 48 0.21 -5.96 5.84
N TYR A 49 -0.62 -6.33 4.86
CA TYR A 49 -1.57 -5.38 4.28
C TYR A 49 -2.98 -5.65 4.78
N ALA A 50 -3.38 -6.92 4.76
CA ALA A 50 -4.71 -7.31 5.21
C ALA A 50 -5.17 -6.42 6.37
N GLY A 51 -4.30 -6.26 7.36
CA GLY A 51 -4.64 -5.44 8.52
C GLY A 51 -5.17 -4.08 8.12
N ILE A 52 -4.46 -3.41 7.22
CA ILE A 52 -4.86 -2.08 6.76
C ILE A 52 -6.34 -2.06 6.39
N SER A 53 -7.01 -0.98 6.77
CA SER A 53 -8.44 -0.82 6.48
C SER A 53 -8.65 -0.33 5.06
N GLU A 54 -7.92 0.73 4.69
CA GLU A 54 -8.03 1.30 3.36
C GLU A 54 -8.12 0.21 2.30
N LEU A 55 -7.31 -0.82 2.46
CA LEU A 55 -7.29 -1.94 1.51
C LEU A 55 -8.39 -2.93 1.83
N ASN A 56 -9.57 -2.42 2.18
CA ASN A 56 -10.70 -3.27 2.51
C ASN A 56 -11.50 -3.62 1.26
N GLN A 57 -11.97 -2.60 0.55
CA GLN A 57 -12.73 -2.80 -0.67
C GLN A 57 -12.14 -2.02 -1.83
N PRO A 58 -12.39 -2.50 -3.06
CA PRO A 58 -11.87 -1.86 -4.28
C PRO A 58 -12.55 -0.52 -4.56
N ALA A 59 -11.74 0.46 -4.96
CA ALA A 59 -12.26 1.79 -5.25
C ALA A 59 -13.35 1.73 -6.31
ZN ZN B . 6.74 6.64 -4.92
N GLY A 1 -3.84 10.19 15.50
CA GLY A 1 -3.36 9.03 16.24
C GLY A 1 -3.86 7.72 15.67
N SER A 2 -5.12 7.39 15.98
CA SER A 2 -5.72 6.16 15.49
C SER A 2 -6.87 6.45 14.54
N SER A 3 -6.57 6.43 13.24
CA SER A 3 -7.58 6.70 12.23
C SER A 3 -8.03 5.41 11.56
N GLY A 4 -9.35 5.18 11.52
CA GLY A 4 -9.89 3.99 10.92
C GLY A 4 -9.70 2.76 11.78
N SER A 5 -8.95 1.79 11.26
CA SER A 5 -8.69 0.55 12.00
C SER A 5 -7.22 0.18 11.95
N SER A 6 -6.83 -0.81 12.75
CA SER A 6 -5.45 -1.26 12.79
C SER A 6 -4.88 -1.44 11.39
N GLY A 7 -3.76 -0.77 11.11
CA GLY A 7 -3.15 -0.88 9.80
C GLY A 7 -2.29 0.32 9.48
N GLU A 8 -1.00 0.09 9.26
CA GLU A 8 -0.06 1.16 8.94
C GLU A 8 -0.02 1.40 7.43
N PRO A 9 0.31 2.65 7.05
CA PRO A 9 0.39 3.05 5.64
C PRO A 9 1.59 2.41 4.93
N VAL A 10 1.49 2.30 3.61
CA VAL A 10 2.57 1.72 2.82
C VAL A 10 3.48 2.80 2.26
N LEU A 11 4.64 2.96 2.90
CA LEU A 11 5.61 3.97 2.46
C LEU A 11 6.34 3.51 1.21
N CYS A 12 6.29 4.33 0.16
CA CYS A 12 6.94 4.00 -1.10
C CYS A 12 8.40 3.64 -0.88
N SER A 13 8.89 2.67 -1.63
CA SER A 13 10.28 2.22 -1.51
C SER A 13 11.23 3.41 -1.42
N ARG A 14 11.17 4.28 -2.44
CA ARG A 14 12.02 5.46 -2.47
C ARG A 14 11.83 6.31 -1.22
N THR A 15 12.93 6.83 -0.69
CA THR A 15 12.88 7.65 0.51
C THR A 15 12.33 9.04 0.19
N THR A 16 12.90 9.69 -0.81
CA THR A 16 12.46 11.03 -1.21
C THR A 16 10.98 11.03 -1.55
N CYS A 17 10.45 9.87 -1.92
CA CYS A 17 9.05 9.74 -2.27
C CYS A 17 8.20 9.45 -1.03
N ARG A 18 8.35 8.24 -0.49
CA ARG A 18 7.60 7.84 0.69
C ARG A 18 6.18 8.38 0.65
N ALA A 19 5.54 8.30 -0.51
CA ALA A 19 4.18 8.79 -0.69
C ALA A 19 3.16 7.73 -0.26
N VAL A 20 2.67 7.85 0.97
CA VAL A 20 1.69 6.91 1.49
C VAL A 20 0.78 6.40 0.39
N LEU A 21 0.31 5.16 0.53
CA LEU A 21 -0.58 4.55 -0.45
C LEU A 21 -1.90 5.30 -0.52
N ASN A 22 -2.22 5.84 -1.68
CA ASN A 22 -3.46 6.57 -1.88
C ASN A 22 -4.34 5.90 -2.92
N PRO A 23 -5.64 6.23 -2.92
CA PRO A 23 -6.61 5.66 -3.86
C PRO A 23 -6.38 6.16 -5.29
N LEU A 24 -5.35 6.98 -5.47
CA LEU A 24 -5.03 7.52 -6.79
C LEU A 24 -4.03 6.64 -7.51
N CYS A 25 -3.18 5.95 -6.75
CA CYS A 25 -2.17 5.07 -7.31
C CYS A 25 -2.82 3.96 -8.13
N GLN A 26 -2.12 3.52 -9.18
CA GLN A 26 -2.63 2.47 -10.05
C GLN A 26 -2.23 1.09 -9.53
N VAL A 27 -3.15 0.43 -8.83
CA VAL A 27 -2.88 -0.89 -8.29
C VAL A 27 -3.76 -1.95 -8.96
N ASP A 28 -3.19 -3.13 -9.18
CA ASP A 28 -3.92 -4.22 -9.81
C ASP A 28 -4.08 -5.40 -8.84
N TYR A 29 -5.01 -5.26 -7.91
CA TYR A 29 -5.26 -6.31 -6.92
C TYR A 29 -5.06 -7.69 -7.53
N ARG A 30 -5.35 -7.81 -8.82
CA ARG A 30 -5.21 -9.07 -9.52
C ARG A 30 -3.75 -9.51 -9.58
N ALA A 31 -2.89 -8.62 -10.05
CA ALA A 31 -1.47 -8.90 -10.15
C ALA A 31 -0.73 -8.46 -8.90
N LYS A 32 -1.47 -8.29 -7.81
CA LYS A 32 -0.89 -7.86 -6.54
C LYS A 32 0.28 -6.91 -6.76
N LEU A 33 0.04 -5.87 -7.56
CA LEU A 33 1.08 -4.89 -7.86
C LEU A 33 0.51 -3.48 -7.80
N TRP A 34 1.20 -2.59 -7.09
CA TRP A 34 0.77 -1.21 -6.95
C TRP A 34 1.83 -0.25 -7.47
N ALA A 35 1.42 0.68 -8.34
CA ALA A 35 2.34 1.65 -8.91
C ALA A 35 2.12 3.02 -8.30
N CYS A 36 3.22 3.76 -8.10
CA CYS A 36 3.15 5.10 -7.52
C CYS A 36 2.61 6.11 -8.54
N ASN A 37 1.94 7.14 -8.04
CA ASN A 37 1.37 8.16 -8.90
C ASN A 37 2.35 9.32 -9.08
N PHE A 38 3.41 9.32 -8.28
CA PHE A 38 4.42 10.37 -8.35
C PHE A 38 5.69 9.85 -9.00
N CYS A 39 6.46 9.06 -8.25
CA CYS A 39 7.71 8.50 -8.76
C CYS A 39 7.43 7.45 -9.84
N TYR A 40 6.21 6.95 -9.87
CA TYR A 40 5.82 5.95 -10.85
C TYR A 40 6.68 4.71 -10.74
N GLN A 41 6.86 4.23 -9.51
CA GLN A 41 7.68 3.05 -9.26
C GLN A 41 6.80 1.87 -8.84
N ARG A 42 6.88 0.78 -9.58
CA ARG A 42 6.10 -0.42 -9.29
C ARG A 42 6.69 -1.16 -8.09
N ASN A 43 5.83 -1.46 -7.11
CA ASN A 43 6.25 -2.17 -5.91
C ASN A 43 5.27 -3.28 -5.56
N GLN A 44 5.71 -4.21 -4.72
CA GLN A 44 4.88 -5.32 -4.30
C GLN A 44 4.22 -5.04 -2.96
N PHE A 45 3.01 -5.57 -2.78
CA PHE A 45 2.26 -5.36 -1.54
C PHE A 45 3.12 -5.72 -0.33
N PRO A 46 2.84 -5.07 0.81
CA PRO A 46 3.57 -5.30 2.06
C PRO A 46 3.27 -6.67 2.66
N PRO A 47 4.06 -7.06 3.67
CA PRO A 47 3.90 -8.35 4.35
C PRO A 47 2.64 -8.41 5.19
N SER A 48 2.20 -7.25 5.69
CA SER A 48 1.00 -7.18 6.51
C SER A 48 0.04 -6.12 5.97
N TYR A 49 -0.85 -6.53 5.09
CA TYR A 49 -1.82 -5.62 4.49
C TYR A 49 -3.25 -6.03 4.87
N ALA A 50 -3.41 -6.51 6.09
CA ALA A 50 -4.73 -6.93 6.58
C ALA A 50 -5.27 -5.93 7.60
N GLY A 51 -6.40 -5.32 7.26
CA GLY A 51 -7.02 -4.36 8.18
C GLY A 51 -7.08 -2.97 7.58
N ILE A 52 -6.00 -2.55 6.92
CA ILE A 52 -5.94 -1.24 6.31
C ILE A 52 -7.27 -0.87 5.65
N SER A 53 -7.62 0.41 5.72
CA SER A 53 -8.86 0.89 5.13
C SER A 53 -8.78 0.87 3.61
N GLU A 54 -7.73 1.46 3.07
CA GLU A 54 -7.54 1.51 1.62
C GLU A 54 -7.67 0.12 1.01
N LEU A 55 -6.93 -0.84 1.57
CA LEU A 55 -6.97 -2.22 1.07
C LEU A 55 -8.33 -2.86 1.34
N ASN A 56 -8.66 -3.01 2.61
CA ASN A 56 -9.94 -3.61 3.01
C ASN A 56 -11.07 -2.59 2.89
N GLN A 57 -11.81 -2.66 1.79
CA GLN A 57 -12.93 -1.75 1.57
C GLN A 57 -13.80 -2.23 0.41
N PRO A 58 -15.13 -2.22 0.62
CA PRO A 58 -16.09 -2.66 -0.39
C PRO A 58 -16.17 -1.68 -1.57
N ALA A 59 -16.36 -2.23 -2.77
CA ALA A 59 -16.46 -1.40 -3.97
C ALA A 59 -17.88 -0.92 -4.18
ZN ZN B . 6.73 6.63 -5.05
#